data_6KHL
#
_entry.id   6KHL
#
_cell.length_a   94.473
_cell.length_b   129.657
_cell.length_c   55.464
_cell.angle_alpha   90.000
_cell.angle_beta   90.000
_cell.angle_gamma   90.000
#
_symmetry.space_group_name_H-M   'P 21 21 2'
#
loop_
_entity.id
_entity.type
_entity.pdbx_description
1 polymer 'Hydrolase, alpha/beta domain protein'
2 non-polymer (2~{R})-1-phenylpropan-2-ol
3 non-polymer GLYCEROL
4 non-polymer DI(HYDROXYETHYL)ETHER
5 water water
#
_entity_poly.entity_id   1
_entity_poly.type   'polypeptide(L)'
_entity_poly.pdbx_seq_one_letter_code
;MALQEIEFTSHNGRDAIQAWAYEPVGTPTAVVQIIHGLGEHSRRYLHMISALLDAGFVVIADDHAGHGRTAMQSGVWADA
GDNAAEVVISDELTLQQQLAGQFDDLPWVVFGHSWGSMIARAMATRPGTRLDGLALCGIVAQPRGFETTLDHKTLAKAMA
TAPTDPAPEALVAQMFDGFADRLSEDDGPTGWVARSKEVVADHGKDKFNNFGAPMSTRFLQGLADIYAMANGDSFYATMP
NIPIVLFAGSEDPAGDFGTGVKAVAERLRRDGHNVELHLYDGLRHEVHNEPESRADVESSLVTFVDRVANRRIKRSR
;
_entity_poly.pdbx_strand_id   A,B
#
loop_
_chem_comp.id
_chem_comp.type
_chem_comp.name
_chem_comp.formula
DK0 non-polymer (2~{R})-1-phenylpropan-2-ol 'C9 H12 O'
GOL non-polymer GLYCEROL 'C3 H8 O3'
PEG non-polymer DI(HYDROXYETHYL)ETHER 'C4 H10 O3'
#
# COMPACT_ATOMS: atom_id res chain seq x y z
N ALA A 2 4.65 -5.12 8.71
CA ALA A 2 3.84 -6.33 8.54
C ALA A 2 2.49 -5.92 7.97
N LEU A 3 1.85 -6.81 7.26
CA LEU A 3 0.53 -6.52 6.66
C LEU A 3 -0.46 -7.56 7.13
N GLN A 4 -1.70 -7.13 7.42
CA GLN A 4 -2.80 -8.07 7.68
C GLN A 4 -3.91 -7.76 6.70
N GLU A 5 -4.48 -8.79 6.12
CA GLU A 5 -5.79 -8.69 5.45
C GLU A 5 -6.82 -9.13 6.46
N ILE A 6 -7.79 -8.26 6.64
CA ILE A 6 -8.92 -8.49 7.54
C ILE A 6 -10.17 -8.43 6.65
N GLU A 7 -10.94 -9.42 6.70
CA GLU A 7 -12.29 -9.29 6.13
C GLU A 7 -13.23 -9.58 7.24
N PHE A 8 -14.44 -9.05 7.16
CA PHE A 8 -15.51 -9.49 8.05
C PHE A 8 -16.82 -9.23 7.31
N THR A 9 -17.86 -9.92 7.70
CA THR A 9 -19.20 -9.71 7.12
C THR A 9 -19.71 -8.37 7.65
N SER A 10 -20.13 -7.51 6.74
CA SER A 10 -20.78 -6.24 7.11
C SER A 10 -22.01 -6.46 8.00
N HIS A 11 -22.35 -5.45 8.78
CA HIS A 11 -23.65 -5.32 9.46
C HIS A 11 -24.80 -5.52 8.44
N ASN A 12 -24.60 -5.21 7.17
CA ASN A 12 -25.71 -5.38 6.21
C ASN A 12 -25.94 -6.86 5.88
N GLY A 13 -25.06 -7.77 6.31
CA GLY A 13 -25.22 -9.23 6.07
C GLY A 13 -24.87 -9.64 4.65
N ARG A 14 -24.51 -8.71 3.75
CA ARG A 14 -24.23 -8.94 2.33
C ARG A 14 -22.75 -8.86 2.06
N ASP A 15 -22.14 -7.74 2.39
CA ASP A 15 -20.78 -7.49 1.89
C ASP A 15 -19.73 -8.17 2.78
N ALA A 16 -18.70 -8.67 2.14
CA ALA A 16 -17.42 -8.98 2.81
C ALA A 16 -16.60 -7.70 2.79
N ILE A 17 -16.53 -7.04 3.95
CA ILE A 17 -15.80 -5.75 4.07
C ILE A 17 -14.31 -6.08 3.89
N GLN A 18 -13.67 -5.45 2.92
CA GLN A 18 -12.24 -5.68 2.66
C GLN A 18 -11.47 -4.68 3.51
N ALA A 19 -10.51 -5.12 4.31
CA ALA A 19 -9.80 -4.27 5.27
C ALA A 19 -8.33 -4.69 5.38
N TRP A 20 -7.54 -3.74 5.81
CA TRP A 20 -6.10 -3.97 5.97
C TRP A 20 -5.65 -3.37 7.28
N ALA A 21 -4.66 -3.99 7.88
CA ALA A 21 -3.87 -3.36 8.96
C ALA A 21 -2.42 -3.38 8.55
N TYR A 22 -1.78 -2.25 8.73
CA TYR A 22 -0.37 -2.00 8.39
C TYR A 22 0.37 -1.78 9.71
N GLU A 23 1.42 -2.58 9.96
CA GLU A 23 2.17 -2.44 11.21
C GLU A 23 3.57 -1.97 10.87
N PRO A 24 4.09 -0.96 11.58
CA PRO A 24 5.45 -0.46 11.35
C PRO A 24 6.47 -1.41 11.97
N VAL A 25 7.71 -1.21 11.62
CA VAL A 25 8.77 -1.95 12.36
C VAL A 25 8.89 -1.32 13.75
N GLY A 26 9.26 -2.13 14.70
CA GLY A 26 9.48 -1.66 16.06
C GLY A 26 8.22 -1.73 16.85
N THR A 27 8.24 -1.05 17.97
CA THR A 27 7.09 -1.06 18.87
C THR A 27 6.24 0.16 18.54
N PRO A 28 5.01 -0.06 18.04
CA PRO A 28 4.19 1.09 17.69
C PRO A 28 3.76 1.87 18.94
N THR A 29 3.46 3.14 18.74
CA THR A 29 3.03 4.02 19.85
C THR A 29 1.56 4.44 19.73
N ALA A 30 0.88 4.09 18.63
CA ALA A 30 -0.52 4.48 18.44
C ALA A 30 -1.12 3.65 17.31
N VAL A 31 -2.45 3.65 17.24
CA VAL A 31 -3.19 3.07 16.10
C VAL A 31 -3.90 4.25 15.48
N VAL A 32 -3.84 4.36 14.16
CA VAL A 32 -4.65 5.34 13.40
C VAL A 32 -5.60 4.59 12.48
N GLN A 33 -6.89 4.84 12.64
CA GLN A 33 -7.94 4.25 11.79
C GLN A 33 -8.33 5.30 10.77
N ILE A 34 -8.10 5.04 9.49
CA ILE A 34 -8.53 5.89 8.37
C ILE A 34 -9.88 5.46 7.83
N ILE A 35 -10.82 6.42 7.81
CA ILE A 35 -12.20 6.19 7.35
C ILE A 35 -12.36 7.05 6.09
N HIS A 36 -12.38 6.41 4.94
CA HIS A 36 -12.44 7.10 3.62
C HIS A 36 -13.82 7.71 3.42
N GLY A 37 -13.92 8.53 2.38
CA GLY A 37 -15.19 9.18 2.05
C GLY A 37 -15.93 8.62 0.87
N LEU A 38 -16.96 9.34 0.45
CA LEU A 38 -17.90 8.82 -0.55
C LEU A 38 -17.20 8.72 -1.91
N GLY A 39 -17.43 7.60 -2.61
CA GLY A 39 -16.89 7.38 -3.97
C GLY A 39 -15.40 7.19 -4.04
N GLU A 40 -14.72 6.91 -2.92
CA GLU A 40 -13.26 6.60 -2.96
C GLU A 40 -13.02 5.27 -2.23
N HIS A 41 -11.78 5.02 -1.81
CA HIS A 41 -11.38 3.74 -1.21
C HIS A 41 -10.16 4.01 -0.32
N SER A 42 -9.85 3.04 0.50
CA SER A 42 -8.84 3.21 1.54
C SER A 42 -7.43 3.06 1.02
N ARG A 43 -7.22 2.40 -0.11
CA ARG A 43 -5.83 2.22 -0.60
C ARG A 43 -5.40 3.45 -1.41
N ARG A 44 -6.28 4.43 -1.49
CA ARG A 44 -5.99 5.75 -2.09
C ARG A 44 -5.05 6.54 -1.15
N TYR A 45 -4.99 6.14 0.13
CA TYR A 45 -4.24 6.78 1.23
C TYR A 45 -2.81 6.25 1.39
N LEU A 46 -2.27 5.58 0.38
CA LEU A 46 -0.89 5.02 0.45
C LEU A 46 0.14 6.04 0.97
N HIS A 47 0.14 7.28 0.47
CA HIS A 47 1.16 8.23 0.94
C HIS A 47 0.98 8.51 2.43
N MET A 48 -0.26 8.67 2.88
CA MET A 48 -0.53 8.95 4.32
C MET A 48 -0.21 7.71 5.14
N ILE A 49 -0.61 6.54 4.66
CA ILE A 49 -0.37 5.25 5.37
C ILE A 49 1.15 5.15 5.59
N SER A 50 1.94 5.38 4.55
CA SER A 50 3.41 5.27 4.63
C SER A 50 3.96 6.30 5.63
N ALA A 51 3.46 7.54 5.61
CA ALA A 51 3.87 8.59 6.56
C ALA A 51 3.56 8.13 7.99
N LEU A 52 2.39 7.56 8.24
CA LEU A 52 2.00 7.16 9.62
C LEU A 52 2.86 5.97 10.06
N LEU A 53 3.17 5.05 9.16
CA LEU A 53 4.05 3.92 9.52
C LEU A 53 5.44 4.49 9.86
N ASP A 54 5.91 5.46 9.09
CA ASP A 54 7.23 6.10 9.36
C ASP A 54 7.26 6.69 10.76
N ALA A 55 6.11 7.16 11.25
CA ALA A 55 5.99 7.83 12.55
C ALA A 55 5.84 6.78 13.66
N GLY A 56 5.79 5.49 13.37
CA GLY A 56 5.64 4.43 14.38
C GLY A 56 4.21 4.13 14.77
N PHE A 57 3.25 4.33 13.86
CA PHE A 57 1.85 4.01 14.16
C PHE A 57 1.38 2.81 13.35
N VAL A 58 0.54 2.00 13.95
CA VAL A 58 -0.28 1.00 13.22
C VAL A 58 -1.32 1.82 12.44
N VAL A 59 -1.66 1.36 11.27
CA VAL A 59 -2.74 1.98 10.49
C VAL A 59 -3.74 0.88 10.14
N ILE A 60 -5.03 1.17 10.26
CA ILE A 60 -6.08 0.20 9.94
C ILE A 60 -7.16 0.95 9.15
N ALA A 61 -7.65 0.30 8.11
CA ALA A 61 -8.68 0.93 7.25
C ALA A 61 -9.46 -0.14 6.53
N ASP A 62 -10.71 0.17 6.22
CA ASP A 62 -11.46 -0.71 5.32
C ASP A 62 -11.99 0.09 4.14
N ASP A 63 -12.38 -0.66 3.12
CA ASP A 63 -13.24 -0.15 2.05
C ASP A 63 -14.68 -0.38 2.47
N HIS A 64 -15.46 0.68 2.62
CA HIS A 64 -16.81 0.54 3.21
C HIS A 64 -17.75 -0.19 2.26
N ALA A 65 -18.88 -0.60 2.79
CA ALA A 65 -19.96 -1.14 1.97
C ALA A 65 -20.16 -0.24 0.76
N GLY A 66 -20.28 -0.85 -0.41
CA GLY A 66 -20.57 -0.07 -1.61
C GLY A 66 -19.37 0.60 -2.24
N HIS A 67 -18.16 0.39 -1.71
CA HIS A 67 -16.95 1.15 -2.06
C HIS A 67 -15.75 0.24 -2.33
N GLY A 68 -14.84 0.75 -3.17
CA GLY A 68 -13.55 0.11 -3.53
C GLY A 68 -13.61 -1.40 -3.67
N ARG A 69 -12.67 -2.09 -3.02
CA ARG A 69 -12.56 -3.57 -3.11
C ARG A 69 -13.82 -4.26 -2.58
N THR A 70 -14.49 -3.66 -1.59
CA THR A 70 -15.69 -4.25 -1.03
C THR A 70 -16.72 -4.36 -2.15
N ALA A 71 -16.90 -3.27 -2.89
CA ALA A 71 -17.81 -3.24 -4.05
C ALA A 71 -17.28 -4.15 -5.15
N MET A 72 -15.97 -4.15 -5.40
CA MET A 72 -15.40 -4.95 -6.50
C MET A 72 -15.74 -6.40 -6.22
N GLN A 73 -15.61 -6.85 -4.97
CA GLN A 73 -15.86 -8.27 -4.67
C GLN A 73 -17.34 -8.58 -4.60
N SER A 74 -18.20 -7.69 -4.09
CA SER A 74 -19.67 -7.91 -3.96
C SER A 74 -20.39 -7.68 -5.30
N GLY A 75 -19.83 -6.86 -6.18
CA GLY A 75 -20.50 -6.34 -7.38
C GLY A 75 -21.47 -5.23 -7.09
N VAL A 76 -21.58 -4.75 -5.85
CA VAL A 76 -22.58 -3.71 -5.48
C VAL A 76 -21.89 -2.40 -5.12
N TRP A 77 -22.07 -1.39 -5.96
CA TRP A 77 -21.50 -0.05 -5.78
C TRP A 77 -22.57 0.91 -5.23
N ALA A 78 -22.16 1.79 -4.33
CA ALA A 78 -22.94 3.01 -3.95
C ALA A 78 -24.28 2.56 -3.33
N ASP A 79 -24.28 1.43 -2.65
CA ASP A 79 -25.39 0.97 -1.79
C ASP A 79 -24.79 0.17 -0.63
N ALA A 80 -25.30 0.37 0.58
CA ALA A 80 -24.77 -0.28 1.79
C ALA A 80 -25.84 -1.11 2.50
N GLY A 81 -26.94 -1.39 1.80
CA GLY A 81 -28.07 -2.09 2.42
C GLY A 81 -29.08 -1.16 3.09
N ASP A 82 -30.09 -1.74 3.72
CA ASP A 82 -31.01 -0.97 4.59
C ASP A 82 -30.25 -0.38 5.79
N ASN A 83 -30.75 0.72 6.34
CA ASN A 83 -30.17 1.34 7.55
C ASN A 83 -28.70 1.63 7.26
N ALA A 84 -28.43 2.30 6.15
CA ALA A 84 -27.04 2.47 5.64
C ALA A 84 -26.16 3.18 6.67
N ALA A 85 -26.64 4.25 7.31
CA ALA A 85 -25.81 5.00 8.29
C ALA A 85 -25.39 4.02 9.39
N GLU A 86 -26.33 3.29 9.96
CA GLU A 86 -25.97 2.35 11.04
C GLU A 86 -25.06 1.23 10.53
N VAL A 87 -25.22 0.80 9.28
CA VAL A 87 -24.32 -0.23 8.69
C VAL A 87 -22.88 0.30 8.77
N VAL A 88 -22.64 1.51 8.27
CA VAL A 88 -21.23 1.94 8.11
C VAL A 88 -20.64 2.32 9.47
N ILE A 89 -21.46 2.86 10.39
CA ILE A 89 -20.95 3.08 11.77
C ILE A 89 -20.60 1.71 12.39
N SER A 90 -21.51 0.76 12.31
CA SER A 90 -21.28 -0.58 12.89
CA SER A 90 -21.28 -0.59 12.88
C SER A 90 -19.98 -1.17 12.31
N ASP A 91 -19.80 -1.08 11.02
CA ASP A 91 -18.64 -1.69 10.35
C ASP A 91 -17.36 -1.01 10.82
N GLU A 92 -17.36 0.30 11.03
CA GLU A 92 -16.14 0.96 11.57
C GLU A 92 -15.87 0.49 13.00
N LEU A 93 -16.90 0.25 13.83
CA LEU A 93 -16.65 -0.28 15.20
C LEU A 93 -16.14 -1.74 15.10
N THR A 94 -16.67 -2.54 14.19
CA THR A 94 -16.24 -3.95 13.98
C THR A 94 -14.79 -3.92 13.57
N LEU A 95 -14.42 -2.98 12.69
CA LEU A 95 -13.01 -2.93 12.25
C LEU A 95 -12.11 -2.74 13.46
N GLN A 96 -12.48 -1.92 14.43
CA GLN A 96 -11.59 -1.71 15.60
C GLN A 96 -11.37 -3.06 16.30
N GLN A 97 -12.39 -3.88 16.37
CA GLN A 97 -12.34 -5.14 17.15
C GLN A 97 -11.55 -6.18 16.39
N GLN A 98 -11.14 -5.96 15.15
CA GLN A 98 -10.30 -6.94 14.40
C GLN A 98 -8.88 -6.92 14.96
N LEU A 99 -8.50 -5.91 15.72
CA LEU A 99 -7.18 -5.88 16.36
C LEU A 99 -7.31 -6.22 17.85
N ALA A 100 -8.44 -6.75 18.31
CA ALA A 100 -8.61 -7.04 19.76
C ALA A 100 -7.45 -7.93 20.25
N GLY A 101 -6.81 -7.48 21.32
CA GLY A 101 -5.70 -8.21 21.96
C GLY A 101 -4.37 -7.93 21.37
N GLN A 102 -4.29 -7.21 20.24
CA GLN A 102 -3.00 -6.91 19.61
C GLN A 102 -2.40 -5.61 20.15
N PHE A 103 -3.22 -4.57 20.35
CA PHE A 103 -2.77 -3.19 20.64
C PHE A 103 -3.65 -2.58 21.72
N ASP A 104 -4.04 -3.41 22.70
CA ASP A 104 -5.08 -2.96 23.66
C ASP A 104 -4.62 -1.77 24.49
N ASP A 105 -3.32 -1.58 24.74
CA ASP A 105 -2.89 -0.46 25.59
C ASP A 105 -2.42 0.73 24.76
N LEU A 106 -2.56 0.71 23.44
CA LEU A 106 -2.15 1.90 22.66
C LEU A 106 -3.30 2.86 22.53
N PRO A 107 -2.98 4.16 22.38
CA PRO A 107 -4.01 5.12 22.04
C PRO A 107 -4.45 4.94 20.58
N TRP A 108 -5.72 5.21 20.33
CA TRP A 108 -6.37 5.01 19.02
C TRP A 108 -6.90 6.34 18.53
N VAL A 109 -6.45 6.76 17.38
CA VAL A 109 -6.93 7.99 16.72
C VAL A 109 -7.73 7.58 15.50
N VAL A 110 -8.93 8.15 15.34
CA VAL A 110 -9.72 7.99 14.13
C VAL A 110 -9.54 9.23 13.27
N PHE A 111 -9.20 8.99 12.02
CA PHE A 111 -9.10 10.06 11.00
C PHE A 111 -10.17 9.75 9.98
N GLY A 112 -11.07 10.69 9.77
CA GLY A 112 -12.21 10.50 8.85
C GLY A 112 -12.26 11.66 7.88
N HIS A 113 -12.40 11.32 6.59
CA HIS A 113 -12.42 12.29 5.48
C HIS A 113 -13.82 12.27 4.84
N SER A 114 -14.44 13.44 4.78
CA SER A 114 -15.77 13.66 4.14
C SER A 114 -16.92 12.81 4.75
N TRP A 115 -17.53 11.88 4.01
CA TRP A 115 -18.44 10.89 4.60
C TRP A 115 -17.75 10.26 5.80
N GLY A 116 -16.46 9.97 5.68
CA GLY A 116 -15.71 9.44 6.83
C GLY A 116 -15.63 10.38 8.00
N SER A 117 -15.64 11.67 7.77
CA SER A 117 -15.71 12.66 8.89
C SER A 117 -17.07 12.56 9.58
N MET A 118 -18.11 12.24 8.83
CA MET A 118 -19.47 12.13 9.41
C MET A 118 -19.54 10.81 10.18
N ILE A 119 -19.00 9.75 9.62
CA ILE A 119 -18.97 8.45 10.33
C ILE A 119 -18.18 8.62 11.63
N ALA A 120 -16.99 9.25 11.56
CA ALA A 120 -16.13 9.37 12.74
C ALA A 120 -16.87 10.16 13.84
N ARG A 121 -17.55 11.23 13.43
CA ARG A 121 -18.30 12.08 14.38
C ARG A 121 -19.41 11.26 15.05
N ALA A 122 -20.12 10.43 14.27
CA ALA A 122 -21.23 9.58 14.75
C ALA A 122 -20.64 8.53 15.70
N MET A 123 -19.48 7.97 15.42
CA MET A 123 -18.86 6.94 16.28
C MET A 123 -18.54 7.56 17.63
N ALA A 124 -18.22 8.86 17.67
CA ALA A 124 -17.73 9.49 18.92
C ALA A 124 -18.85 9.52 19.97
N THR A 125 -20.11 9.47 19.53
CA THR A 125 -21.30 9.59 20.40
C THR A 125 -21.60 8.23 21.01
N ARG A 126 -20.95 7.14 20.57
CA ARG A 126 -21.28 5.75 20.97
C ARG A 126 -20.35 5.28 22.08
N PRO A 127 -20.87 4.71 23.17
CA PRO A 127 -20.00 4.19 24.25
C PRO A 127 -18.89 3.19 23.89
N GLY A 128 -19.07 2.21 23.00
CA GLY A 128 -17.99 1.20 22.80
C GLY A 128 -16.70 1.72 22.15
N THR A 129 -16.63 2.98 21.72
CA THR A 129 -15.72 3.31 20.59
C THR A 129 -14.30 3.45 21.13
N ARG A 130 -13.29 2.91 20.44
CA ARG A 130 -11.92 3.30 20.77
C ARG A 130 -11.69 4.64 20.12
N LEU A 131 -11.32 5.63 20.90
CA LEU A 131 -11.22 7.02 20.39
C LEU A 131 -10.47 7.84 21.44
N ASP A 132 -9.16 7.91 21.30
CA ASP A 132 -8.33 8.78 22.17
C ASP A 132 -8.01 10.11 21.52
N GLY A 133 -8.26 10.23 20.21
CA GLY A 133 -8.20 11.49 19.51
C GLY A 133 -9.01 11.40 18.26
N LEU A 134 -9.53 12.53 17.81
CA LEU A 134 -10.44 12.57 16.66
C LEU A 134 -9.85 13.55 15.66
N ALA A 135 -9.62 13.09 14.42
CA ALA A 135 -9.08 13.91 13.34
C ALA A 135 -10.07 13.88 12.19
N LEU A 136 -10.48 15.06 11.75
CA LEU A 136 -11.48 15.17 10.70
C LEU A 136 -10.89 15.93 9.53
N CYS A 137 -11.22 15.52 8.33
CA CYS A 137 -10.71 16.12 7.08
C CYS A 137 -11.87 16.23 6.09
N GLY A 138 -11.87 17.24 5.21
CA GLY A 138 -12.89 17.30 4.16
C GLY A 138 -14.25 17.43 4.86
N ILE A 139 -14.32 18.21 5.91
CA ILE A 139 -15.39 18.13 6.92
C ILE A 139 -16.70 18.56 6.30
N VAL A 140 -17.72 17.72 6.43
CA VAL A 140 -19.08 18.04 5.93
C VAL A 140 -19.81 18.76 7.05
N ALA A 141 -19.99 20.07 6.92
CA ALA A 141 -20.58 20.92 7.98
C ALA A 141 -21.23 22.16 7.37
N GLN A 142 -22.53 22.29 7.58
CA GLN A 142 -23.36 23.41 7.08
C GLN A 142 -23.34 23.65 5.57
N PRO A 143 -23.10 22.70 4.65
CA PRO A 143 -23.29 22.99 3.24
C PRO A 143 -24.79 23.18 2.94
N ARG A 144 -25.08 24.04 1.97
CA ARG A 144 -26.49 24.43 1.66
C ARG A 144 -27.34 23.19 1.36
N GLY A 145 -26.79 22.20 0.67
CA GLY A 145 -27.59 21.08 0.17
C GLY A 145 -28.14 20.26 1.32
N PHE A 146 -27.27 19.82 2.21
CA PHE A 146 -27.73 19.05 3.40
C PHE A 146 -28.55 19.92 4.30
N GLU A 147 -28.16 21.18 4.53
CA GLU A 147 -28.82 22.03 5.52
C GLU A 147 -30.21 22.48 5.08
N THR A 148 -30.39 22.76 3.78
CA THR A 148 -31.58 23.52 3.30
C THR A 148 -32.16 22.92 2.01
N THR A 149 -31.37 22.64 0.99
CA THR A 149 -31.93 22.32 -0.34
C THR A 149 -32.62 20.96 -0.31
N LEU A 150 -32.02 19.98 0.37
CA LEU A 150 -32.54 18.60 0.28
C LEU A 150 -33.93 18.59 0.93
N ASP A 151 -34.94 18.14 0.16
CA ASP A 151 -36.35 18.11 0.59
C ASP A 151 -36.60 16.81 1.34
N HIS A 152 -36.66 16.87 2.65
CA HIS A 152 -36.83 15.63 3.48
C HIS A 152 -38.20 14.99 3.22
N LYS A 153 -39.22 15.75 2.86
CA LYS A 153 -40.54 15.12 2.59
C LYS A 153 -40.47 14.31 1.29
N THR A 154 -39.79 14.82 0.26
CA THR A 154 -39.64 14.11 -1.02
C THR A 154 -38.76 12.86 -0.82
N LEU A 155 -37.76 12.98 0.05
CA LEU A 155 -36.90 11.81 0.37
C LEU A 155 -37.73 10.76 1.12
N ALA A 156 -38.56 11.19 2.06
CA ALA A 156 -39.36 10.21 2.83
C ALA A 156 -40.32 9.50 1.87
N LYS A 157 -40.89 10.23 0.90
CA LYS A 157 -41.82 9.63 -0.07
C LYS A 157 -41.09 8.60 -0.90
N ALA A 158 -39.84 8.87 -1.33
CA ALA A 158 -39.07 7.91 -2.13
C ALA A 158 -38.76 6.67 -1.28
N MET A 159 -38.44 6.86 -0.02
CA MET A 159 -38.13 5.73 0.89
C MET A 159 -39.38 4.90 1.17
N ALA A 160 -40.57 5.51 1.24
CA ALA A 160 -41.81 4.75 1.57
C ALA A 160 -42.16 3.83 0.42
N THR A 161 -41.90 4.27 -0.82
CA THR A 161 -42.42 3.59 -2.02
C THR A 161 -41.35 2.79 -2.76
N ALA A 162 -40.08 3.17 -2.73
CA ALA A 162 -39.06 2.52 -3.59
C ALA A 162 -37.66 2.70 -3.00
N PRO A 163 -37.42 2.16 -1.79
CA PRO A 163 -36.15 2.39 -1.12
C PRO A 163 -34.92 1.79 -1.83
N THR A 164 -35.09 0.73 -2.64
CA THR A 164 -33.95 0.09 -3.35
C THR A 164 -33.77 0.66 -4.77
N ASP A 165 -34.64 1.52 -5.27
CA ASP A 165 -34.48 2.13 -6.60
C ASP A 165 -33.29 3.09 -6.57
N PRO A 166 -32.72 3.42 -7.74
CA PRO A 166 -31.73 4.47 -7.82
C PRO A 166 -32.28 5.77 -7.27
N ALA A 167 -31.45 6.47 -6.49
CA ALA A 167 -31.88 7.75 -5.88
C ALA A 167 -32.42 8.66 -6.98
N PRO A 168 -33.62 9.24 -6.77
CA PRO A 168 -34.11 10.23 -7.72
C PRO A 168 -33.10 11.34 -8.02
N GLU A 169 -32.92 11.66 -9.30
CA GLU A 169 -31.90 12.63 -9.77
C GLU A 169 -32.10 13.97 -9.04
N ALA A 170 -33.34 14.39 -8.81
CA ALA A 170 -33.55 15.70 -8.19
C ALA A 170 -33.05 15.71 -6.76
N LEU A 171 -33.17 14.59 -6.06
CA LEU A 171 -32.78 14.51 -4.65
C LEU A 171 -31.24 14.51 -4.58
N VAL A 172 -30.59 13.83 -5.51
CA VAL A 172 -29.11 13.85 -5.54
C VAL A 172 -28.65 15.29 -5.82
N ALA A 173 -29.29 15.95 -6.76
CA ALA A 173 -28.92 17.34 -7.10
C ALA A 173 -29.14 18.24 -5.88
N GLN A 174 -30.21 18.06 -5.12
CA GLN A 174 -30.48 18.91 -3.96
C GLN A 174 -29.39 18.68 -2.90
N MET A 175 -29.05 17.41 -2.66
CA MET A 175 -28.14 17.07 -1.53
C MET A 175 -26.79 17.77 -1.73
N PHE A 176 -26.32 17.91 -2.99
CA PHE A 176 -24.98 18.46 -3.28
C PHE A 176 -25.11 19.82 -3.95
N ASP A 177 -26.25 20.47 -3.78
CA ASP A 177 -26.45 21.86 -4.26
C ASP A 177 -25.39 22.80 -3.66
N GLY A 178 -24.65 23.47 -4.48
CA GLY A 178 -23.60 24.36 -3.95
C GLY A 178 -22.21 23.85 -4.31
N PHE A 179 -22.08 22.54 -4.56
CA PHE A 179 -20.73 21.94 -4.72
C PHE A 179 -20.04 22.57 -5.95
N ALA A 180 -20.78 23.03 -6.96
CA ALA A 180 -20.14 23.62 -8.17
C ALA A 180 -20.03 25.14 -8.10
N ASP A 181 -20.32 25.80 -6.98
CA ASP A 181 -20.48 27.28 -6.95
C ASP A 181 -19.20 28.03 -7.43
N ARG A 182 -18.04 27.50 -7.16
CA ARG A 182 -16.78 28.26 -7.40
C ARG A 182 -15.96 27.50 -8.44
N LEU A 183 -16.63 26.70 -9.28
CA LEU A 183 -15.94 25.93 -10.33
C LEU A 183 -16.14 26.49 -11.73
N SER A 184 -15.11 26.36 -12.56
CA SER A 184 -15.18 26.70 -14.00
C SER A 184 -15.62 25.48 -14.79
N GLU A 185 -15.77 25.65 -16.11
CA GLU A 185 -15.99 24.42 -16.96
C GLU A 185 -14.66 23.67 -17.09
N ASP A 186 -13.49 24.30 -17.08
CA ASP A 186 -12.19 23.56 -17.10
C ASP A 186 -12.18 22.59 -15.91
N ASP A 187 -12.65 23.06 -14.75
CA ASP A 187 -12.53 22.27 -13.50
C ASP A 187 -13.36 20.99 -13.62
N GLY A 188 -14.48 21.04 -14.32
CA GLY A 188 -15.38 19.90 -14.47
C GLY A 188 -16.26 19.70 -13.24
N PRO A 189 -17.22 18.76 -13.31
CA PRO A 189 -18.21 18.57 -12.27
C PRO A 189 -17.64 18.04 -10.93
N THR A 190 -16.48 17.44 -11.00
CA THR A 190 -15.78 16.99 -9.76
C THR A 190 -14.64 17.92 -9.41
N GLY A 191 -14.60 19.14 -9.96
CA GLY A 191 -13.49 20.06 -9.66
C GLY A 191 -13.38 20.43 -8.19
N TRP A 192 -14.46 20.23 -7.40
CA TRP A 192 -14.46 20.54 -5.96
C TRP A 192 -13.49 19.61 -5.22
N VAL A 193 -13.15 18.49 -5.85
CA VAL A 193 -12.25 17.49 -5.21
C VAL A 193 -10.90 18.11 -4.84
N ALA A 194 -10.34 18.92 -5.72
CA ALA A 194 -9.02 19.54 -5.48
C ALA A 194 -8.81 20.67 -6.47
N ARG A 195 -7.94 21.61 -6.09
CA ARG A 195 -7.49 22.68 -7.01
C ARG A 195 -6.60 21.99 -8.05
N SER A 196 -5.89 20.93 -7.61
CA SER A 196 -4.99 20.16 -8.49
C SER A 196 -5.79 19.42 -9.56
N LYS A 197 -5.66 19.77 -10.83
CA LYS A 197 -6.34 19.07 -11.91
C LYS A 197 -5.84 17.62 -11.96
N GLU A 198 -4.56 17.39 -11.69
CA GLU A 198 -3.99 16.04 -11.72
C GLU A 198 -4.65 15.17 -10.63
N VAL A 199 -4.87 15.71 -9.43
CA VAL A 199 -5.55 14.91 -8.38
C VAL A 199 -6.96 14.56 -8.87
N VAL A 200 -7.68 15.52 -9.45
CA VAL A 200 -9.08 15.31 -9.91
C VAL A 200 -9.07 14.29 -11.04
N ALA A 201 -8.12 14.39 -11.99
CA ALA A 201 -8.12 13.44 -13.11
C ALA A 201 -7.85 12.03 -12.60
N ASP A 202 -6.92 11.89 -11.64
CA ASP A 202 -6.60 10.56 -11.06
C ASP A 202 -7.83 10.02 -10.31
N HIS A 203 -8.54 10.86 -9.62
CA HIS A 203 -9.76 10.50 -8.88
C HIS A 203 -10.75 9.87 -9.85
N GLY A 204 -10.90 10.47 -11.03
CA GLY A 204 -11.87 9.97 -12.01
C GLY A 204 -11.40 8.72 -12.73
N LYS A 205 -10.11 8.45 -12.76
CA LYS A 205 -9.52 7.29 -13.45
C LYS A 205 -9.51 6.05 -12.56
N ASP A 206 -9.34 6.23 -11.26
CA ASP A 206 -9.01 5.11 -10.36
C ASP A 206 -10.17 4.12 -10.30
N LYS A 207 -9.96 2.89 -10.75
CA LYS A 207 -11.01 1.88 -10.82
C LYS A 207 -11.53 1.49 -9.44
N PHE A 208 -10.75 1.73 -8.38
CA PHE A 208 -11.25 1.41 -7.02
C PHE A 208 -12.02 2.58 -6.42
N ASN A 209 -12.05 3.75 -7.08
CA ASN A 209 -13.08 4.75 -6.72
C ASN A 209 -14.37 4.43 -7.46
N ASN A 210 -14.33 4.28 -8.79
CA ASN A 210 -15.58 4.15 -9.61
C ASN A 210 -16.56 5.23 -9.21
N PHE A 211 -16.06 6.45 -9.08
CA PHE A 211 -16.85 7.60 -8.65
C PHE A 211 -17.96 7.86 -9.67
N GLY A 212 -19.14 8.11 -9.15
CA GLY A 212 -20.26 8.47 -10.03
C GLY A 212 -21.21 7.32 -10.22
N ALA A 213 -20.93 6.11 -9.71
CA ALA A 213 -21.89 4.97 -9.77
C ALA A 213 -23.17 5.43 -9.08
N PRO A 214 -24.37 5.14 -9.61
CA PRO A 214 -25.59 5.67 -9.01
C PRO A 214 -25.88 5.10 -7.63
N MET A 215 -26.17 6.00 -6.71
CA MET A 215 -26.53 5.64 -5.31
C MET A 215 -28.00 5.18 -5.30
N SER A 216 -28.32 4.23 -4.43
CA SER A 216 -29.72 3.86 -4.16
C SER A 216 -30.39 4.96 -3.32
N THR A 217 -31.71 4.96 -3.30
CA THR A 217 -32.48 5.82 -2.41
C THR A 217 -32.09 5.59 -0.96
N ARG A 218 -32.03 4.34 -0.50
CA ARG A 218 -31.69 4.06 0.91
C ARG A 218 -30.26 4.53 1.23
N PHE A 219 -29.36 4.46 0.26
CA PHE A 219 -27.99 4.95 0.52
C PHE A 219 -28.07 6.47 0.72
N LEU A 220 -28.80 7.17 -0.14
CA LEU A 220 -28.94 8.67 0.01
C LEU A 220 -29.57 9.00 1.36
N GLN A 221 -30.56 8.22 1.76
CA GLN A 221 -31.18 8.36 3.10
C GLN A 221 -30.08 8.24 4.17
N GLY A 222 -29.18 7.28 3.99
CA GLY A 222 -28.09 7.10 4.94
C GLY A 222 -27.18 8.32 5.03
N LEU A 223 -26.96 9.01 3.92
CA LEU A 223 -26.13 10.25 3.96
C LEU A 223 -26.86 11.34 4.73
N ALA A 224 -28.16 11.53 4.49
CA ALA A 224 -28.93 12.53 5.29
C ALA A 224 -28.85 12.15 6.77
N ASP A 225 -29.04 10.89 7.08
CA ASP A 225 -29.07 10.42 8.47
C ASP A 225 -27.74 10.73 9.13
N ILE A 226 -26.63 10.31 8.48
CA ILE A 226 -25.31 10.48 9.12
C ILE A 226 -24.92 11.96 9.21
N TYR A 227 -25.37 12.79 8.27
CA TYR A 227 -25.14 14.24 8.33
C TYR A 227 -25.76 14.76 9.64
N ALA A 228 -26.99 14.34 9.94
CA ALA A 228 -27.67 14.77 11.16
C ALA A 228 -26.91 14.29 12.40
N MET A 229 -26.50 13.01 12.39
CA MET A 229 -25.84 12.41 13.56
C MET A 229 -24.51 13.13 13.80
N ALA A 230 -23.83 13.55 12.75
CA ALA A 230 -22.51 14.18 12.88
C ALA A 230 -22.63 15.64 13.28
N ASN A 231 -23.70 16.35 12.89
CA ASN A 231 -23.74 17.82 13.02
C ASN A 231 -24.79 18.26 14.06
N GLY A 232 -25.54 17.33 14.59
CA GLY A 232 -26.70 17.60 15.50
C GLY A 232 -26.21 17.90 16.90
N ASP A 233 -27.18 18.21 17.77
CA ASP A 233 -26.84 18.60 19.16
C ASP A 233 -26.17 17.46 19.90
N SER A 234 -26.55 16.21 19.65
CA SER A 234 -26.00 15.08 20.41
C SER A 234 -24.51 14.99 20.16
N PHE A 235 -24.05 15.26 18.93
CA PHE A 235 -22.59 15.21 18.70
C PHE A 235 -21.84 16.15 19.67
N TYR A 236 -22.26 17.41 19.70
CA TYR A 236 -21.58 18.42 20.52
C TYR A 236 -21.76 18.06 21.99
N ALA A 237 -22.94 17.56 22.37
CA ALA A 237 -23.27 17.29 23.78
C ALA A 237 -22.47 16.12 24.34
N THR A 238 -22.11 15.13 23.51
CA THR A 238 -21.53 13.86 23.97
C THR A 238 -20.09 13.73 23.51
N MET A 239 -19.54 14.69 22.79
CA MET A 239 -18.15 14.56 22.31
C MET A 239 -17.23 14.30 23.49
N PRO A 240 -16.45 13.20 23.48
CA PRO A 240 -15.56 12.90 24.61
C PRO A 240 -14.46 13.94 24.80
N ASN A 241 -13.90 13.92 26.00
CA ASN A 241 -12.90 14.92 26.44
C ASN A 241 -11.54 14.52 25.92
N ILE A 242 -11.37 14.61 24.60
CA ILE A 242 -10.15 14.16 23.91
C ILE A 242 -9.72 15.22 22.92
N PRO A 243 -8.43 15.17 22.52
CA PRO A 243 -7.95 16.09 21.49
C PRO A 243 -8.69 15.85 20.17
N ILE A 244 -9.00 16.97 19.52
CA ILE A 244 -9.64 17.03 18.19
C ILE A 244 -8.81 17.87 17.25
N VAL A 245 -8.65 17.39 16.01
CA VAL A 245 -8.00 18.23 14.97
C VAL A 245 -8.89 18.21 13.73
N LEU A 246 -8.93 19.38 13.09
CA LEU A 246 -9.80 19.63 11.92
C LEU A 246 -8.94 20.10 10.77
N PHE A 247 -9.07 19.48 9.62
CA PHE A 247 -8.37 19.84 8.38
C PHE A 247 -9.37 20.17 7.28
N ALA A 248 -9.30 21.35 6.68
CA ALA A 248 -10.26 21.64 5.60
C ALA A 248 -9.69 22.68 4.65
N GLY A 249 -10.13 22.64 3.41
CA GLY A 249 -9.84 23.70 2.43
C GLY A 249 -10.81 24.84 2.55
N SER A 250 -10.34 26.09 2.45
CA SER A 250 -11.30 27.21 2.56
C SER A 250 -12.25 27.23 1.35
N GLU A 251 -11.87 26.56 0.25
CA GLU A 251 -12.69 26.55 -0.99
C GLU A 251 -13.49 25.24 -1.09
N ASP A 252 -13.50 24.44 -0.03
CA ASP A 252 -14.25 23.17 -0.04
C ASP A 252 -15.75 23.42 0.17
N PRO A 253 -16.62 23.10 -0.80
CA PRO A 253 -18.05 23.28 -0.58
C PRO A 253 -18.61 22.44 0.57
N ALA A 254 -17.96 21.33 0.91
CA ALA A 254 -18.51 20.39 1.91
C ALA A 254 -18.60 21.07 3.26
N GLY A 255 -17.69 21.99 3.57
CA GLY A 255 -17.66 22.75 4.84
C GLY A 255 -18.23 24.16 4.67
N ASP A 256 -19.07 24.36 3.67
CA ASP A 256 -19.60 25.71 3.30
C ASP A 256 -18.43 26.68 3.14
N PHE A 257 -17.41 26.27 2.40
CA PHE A 257 -16.27 27.12 2.00
C PHE A 257 -15.65 27.74 3.27
N GLY A 258 -15.35 26.85 4.23
CA GLY A 258 -14.70 27.16 5.51
C GLY A 258 -15.69 27.63 6.57
N THR A 259 -16.82 28.24 6.22
CA THR A 259 -17.73 28.84 7.24
C THR A 259 -18.23 27.72 8.17
N GLY A 260 -18.64 26.61 7.61
CA GLY A 260 -19.16 25.50 8.40
C GLY A 260 -18.10 24.93 9.31
N VAL A 261 -16.86 24.75 8.80
CA VAL A 261 -15.79 24.18 9.62
C VAL A 261 -15.47 25.14 10.77
N LYS A 262 -15.43 26.44 10.49
CA LYS A 262 -15.22 27.39 11.60
C LYS A 262 -16.33 27.23 12.65
N ALA A 263 -17.56 27.02 12.24
CA ALA A 263 -18.70 26.86 13.19
C ALA A 263 -18.49 25.61 14.03
N VAL A 264 -18.00 24.53 13.44
CA VAL A 264 -17.74 23.29 14.20
C VAL A 264 -16.68 23.59 15.27
N ALA A 265 -15.57 24.20 14.88
CA ALA A 265 -14.47 24.54 15.81
C ALA A 265 -14.97 25.45 16.93
N GLU A 266 -15.72 26.49 16.55
CA GLU A 266 -16.21 27.52 17.52
C GLU A 266 -17.14 26.89 18.57
N ARG A 267 -17.97 25.91 18.19
CA ARG A 267 -18.92 25.31 19.13
C ARG A 267 -18.19 24.36 20.07
N LEU A 268 -17.28 23.54 19.54
CA LEU A 268 -16.49 22.67 20.40
C LEU A 268 -15.66 23.54 21.37
N ARG A 269 -15.01 24.60 20.90
CA ARG A 269 -14.17 25.43 21.78
C ARG A 269 -15.00 26.14 22.84
N ARG A 270 -16.19 26.61 22.49
CA ARG A 270 -17.06 27.28 23.49
C ARG A 270 -17.39 26.33 24.65
N ASP A 271 -17.48 25.02 24.37
CA ASP A 271 -17.82 24.00 25.38
C ASP A 271 -16.57 23.47 26.07
N GLY A 272 -15.39 24.08 25.85
CA GLY A 272 -14.20 23.71 26.58
C GLY A 272 -13.38 22.61 25.96
N HIS A 273 -13.65 22.23 24.72
CA HIS A 273 -12.89 21.13 24.05
C HIS A 273 -11.51 21.59 23.59
N ASN A 274 -10.65 20.59 23.40
CA ASN A 274 -9.26 20.70 22.94
C ASN A 274 -9.35 20.61 21.40
N VAL A 275 -9.30 21.71 20.70
CA VAL A 275 -9.57 21.77 19.23
C VAL A 275 -8.43 22.48 18.50
N GLU A 276 -7.89 21.83 17.47
CA GLU A 276 -6.83 22.38 16.59
C GLU A 276 -7.46 22.49 15.21
N LEU A 277 -7.37 23.66 14.60
CA LEU A 277 -7.99 23.91 13.28
C LEU A 277 -6.93 24.29 12.25
N HIS A 278 -6.92 23.57 11.12
CA HIS A 278 -6.08 23.85 9.94
C HIS A 278 -7.01 24.14 8.78
N LEU A 279 -7.19 25.43 8.45
CA LEU A 279 -7.99 25.85 7.28
C LEU A 279 -7.01 26.32 6.21
N TYR A 280 -6.97 25.61 5.08
CA TYR A 280 -5.99 25.90 4.01
C TYR A 280 -6.62 26.86 2.99
N ASP A 281 -6.04 28.06 2.92
CA ASP A 281 -6.61 29.08 2.04
C ASP A 281 -6.38 28.68 0.58
N GLY A 282 -7.46 28.83 -0.17
CA GLY A 282 -7.43 28.67 -1.61
C GLY A 282 -7.51 27.22 -2.07
N LEU A 283 -7.55 26.26 -1.13
CA LEU A 283 -7.57 24.83 -1.53
C LEU A 283 -8.96 24.25 -1.32
N ARG A 284 -9.22 23.14 -2.02
CA ARG A 284 -10.57 22.56 -2.10
C ARG A 284 -10.67 21.37 -1.16
N HIS A 285 -11.42 20.35 -1.54
CA HIS A 285 -11.90 19.33 -0.57
C HIS A 285 -10.73 18.49 -0.02
N GLU A 286 -9.94 17.88 -0.90
CA GLU A 286 -8.94 16.86 -0.48
C GLU A 286 -7.64 17.53 -0.10
N VAL A 287 -7.61 18.21 1.04
CA VAL A 287 -6.38 18.92 1.47
C VAL A 287 -5.29 17.88 1.81
N HIS A 288 -5.65 16.63 2.12
CA HIS A 288 -4.62 15.59 2.31
C HIS A 288 -3.96 15.16 0.99
N ASN A 289 -4.57 15.44 -0.15
CA ASN A 289 -4.05 15.08 -1.49
C ASN A 289 -3.53 16.28 -2.28
N GLU A 290 -4.01 17.49 -2.00
CA GLU A 290 -3.55 18.71 -2.70
C GLU A 290 -2.04 18.77 -2.56
N PRO A 291 -1.26 18.92 -3.65
CA PRO A 291 0.17 19.07 -3.48
C PRO A 291 0.58 20.22 -2.56
N GLU A 292 -0.20 21.29 -2.53
CA GLU A 292 0.14 22.49 -1.73
C GLU A 292 0.09 22.17 -0.23
N SER A 293 -0.80 21.28 0.21
CA SER A 293 -1.08 21.06 1.66
C SER A 293 -0.75 19.66 2.16
N ARG A 294 -0.54 18.70 1.30
CA ARG A 294 -0.44 17.29 1.77
C ARG A 294 0.61 17.17 2.87
N ALA A 295 1.79 17.74 2.67
CA ALA A 295 2.88 17.54 3.65
C ALA A 295 2.50 18.17 5.00
N ASP A 296 1.83 19.34 4.98
CA ASP A 296 1.40 20.03 6.23
C ASP A 296 0.30 19.21 6.92
N VAL A 297 -0.66 18.66 6.17
CA VAL A 297 -1.71 17.79 6.78
C VAL A 297 -1.06 16.59 7.45
N GLU A 298 -0.17 15.90 6.76
CA GLU A 298 0.43 14.67 7.31
C GLU A 298 1.30 15.01 8.52
N SER A 299 2.16 16.00 8.42
CA SER A 299 3.04 16.33 9.56
C SER A 299 2.21 16.79 10.74
N SER A 300 1.18 17.58 10.49
CA SER A 300 0.26 18.04 11.58
C SER A 300 -0.40 16.80 12.19
N LEU A 301 -0.85 15.86 11.38
CA LEU A 301 -1.51 14.65 11.91
C LEU A 301 -0.53 13.86 12.76
N VAL A 302 0.70 13.67 12.30
CA VAL A 302 1.70 12.94 13.12
C VAL A 302 1.93 13.65 14.46
N THR A 303 2.10 14.97 14.46
CA THR A 303 2.32 15.75 15.70
C THR A 303 1.11 15.57 16.62
N PHE A 304 -0.08 15.55 16.05
CA PHE A 304 -1.33 15.36 16.82
C PHE A 304 -1.39 13.99 17.45
N VAL A 305 -1.10 12.94 16.71
CA VAL A 305 -1.13 11.58 17.27
C VAL A 305 -0.09 11.44 18.39
N ASP A 306 1.09 11.99 18.18
CA ASP A 306 2.15 12.01 19.22
C ASP A 306 1.63 12.73 20.46
N ARG A 307 0.88 13.81 20.30
CA ARG A 307 0.34 14.58 21.46
C ARG A 307 -0.72 13.75 22.17
N VAL A 308 -1.57 13.04 21.44
CA VAL A 308 -2.56 12.13 22.03
C VAL A 308 -1.82 11.06 22.83
N ALA A 309 -0.76 10.52 22.24
CA ALA A 309 -0.04 9.41 22.91
C ALA A 309 0.65 9.89 24.19
N ASN A 310 1.13 11.11 24.19
CA ASN A 310 1.86 11.67 25.36
C ASN A 310 0.86 11.83 26.52
N ARG A 311 -0.36 12.28 26.22
CA ARG A 311 -1.40 12.50 27.24
C ARG A 311 -1.92 11.17 27.80
N ALA B 2 -3.79 6.17 -8.72
CA ALA B 2 -4.76 5.12 -9.06
C ALA B 2 -4.16 3.77 -8.70
N LEU B 3 -4.99 2.76 -8.52
CA LEU B 3 -4.53 1.39 -8.20
C LEU B 3 -5.15 0.42 -9.19
N GLN B 4 -4.36 -0.54 -9.69
CA GLN B 4 -4.88 -1.66 -10.47
C GLN B 4 -4.56 -2.94 -9.72
N GLU B 5 -5.51 -3.85 -9.68
CA GLU B 5 -5.25 -5.25 -9.31
C GLU B 5 -5.17 -6.04 -10.59
N ILE B 6 -4.05 -6.72 -10.72
CA ILE B 6 -3.74 -7.61 -11.87
C ILE B 6 -3.62 -9.03 -11.32
N GLU B 7 -4.25 -9.94 -11.94
CA GLU B 7 -3.95 -11.35 -11.70
C GLU B 7 -3.76 -11.96 -13.05
N PHE B 8 -2.90 -12.93 -13.11
CA PHE B 8 -2.79 -13.80 -14.29
C PHE B 8 -2.36 -15.18 -13.81
N THR B 9 -2.69 -16.18 -14.60
CA THR B 9 -2.26 -17.54 -14.32
C THR B 9 -0.76 -17.63 -14.53
N SER B 10 -0.07 -18.15 -13.54
CA SER B 10 1.38 -18.43 -13.62
C SER B 10 1.70 -19.36 -14.79
N HIS B 11 2.94 -19.27 -15.25
CA HIS B 11 3.55 -20.25 -16.15
C HIS B 11 3.45 -21.64 -15.56
N ASN B 12 3.38 -21.80 -14.23
CA ASN B 12 3.27 -23.14 -13.61
C ASN B 12 1.88 -23.74 -13.80
N GLY B 13 0.90 -22.99 -14.28
CA GLY B 13 -0.48 -23.46 -14.52
C GLY B 13 -1.31 -23.62 -13.26
N ARG B 14 -0.75 -23.37 -12.05
CA ARG B 14 -1.41 -23.62 -10.77
C ARG B 14 -1.83 -22.29 -10.15
N ASP B 15 -0.87 -21.40 -10.00
CA ASP B 15 -1.09 -20.16 -9.22
C ASP B 15 -1.78 -19.05 -10.00
N ALA B 16 -2.65 -18.33 -9.31
CA ALA B 16 -3.14 -17.01 -9.73
C ALA B 16 -2.14 -16.02 -9.15
N ILE B 17 -1.26 -15.52 -10.01
CA ILE B 17 -0.25 -14.55 -9.52
C ILE B 17 -0.99 -13.29 -9.13
N GLN B 18 -0.80 -12.86 -7.88
CA GLN B 18 -1.37 -11.62 -7.33
C GLN B 18 -0.43 -10.47 -7.65
N ALA B 19 -0.94 -9.44 -8.28
CA ALA B 19 -0.09 -8.30 -8.69
C ALA B 19 -0.85 -6.99 -8.63
N TRP B 20 -0.08 -5.93 -8.57
CA TRP B 20 -0.57 -4.56 -8.42
C TRP B 20 0.17 -3.62 -9.34
N ALA B 21 -0.54 -2.63 -9.86
CA ALA B 21 0.11 -1.47 -10.50
C ALA B 21 -0.37 -0.23 -9.79
N TYR B 22 0.58 0.61 -9.45
CA TYR B 22 0.39 1.87 -8.69
C TYR B 22 0.72 3.01 -9.63
N GLU B 23 -0.27 3.89 -9.88
CA GLU B 23 -0.08 5.01 -10.82
C GLU B 23 -0.08 6.31 -10.04
N PRO B 24 0.88 7.21 -10.29
CA PRO B 24 0.95 8.51 -9.65
C PRO B 24 -0.10 9.42 -10.32
N VAL B 25 -0.40 10.47 -9.61
CA VAL B 25 -1.16 11.61 -10.14
C VAL B 25 -0.28 12.21 -11.25
N GLY B 26 -0.90 12.71 -12.30
CA GLY B 26 -0.16 13.42 -13.35
C GLY B 26 0.28 12.51 -14.47
N THR B 27 1.30 12.92 -15.19
CA THR B 27 1.80 12.15 -16.33
C THR B 27 3.08 11.48 -15.88
N PRO B 28 3.10 10.14 -15.73
CA PRO B 28 4.32 9.49 -15.26
C PRO B 28 5.44 9.57 -16.29
N THR B 29 6.67 9.44 -15.83
CA THR B 29 7.87 9.53 -16.72
C THR B 29 8.61 8.21 -16.81
N ALA B 30 8.22 7.19 -16.07
CA ALA B 30 8.91 5.89 -16.11
C ALA B 30 8.02 4.87 -15.44
N VAL B 31 8.34 3.63 -15.68
CA VAL B 31 7.77 2.47 -14.95
C VAL B 31 8.91 1.80 -14.19
N VAL B 32 8.64 1.45 -12.93
CA VAL B 32 9.60 0.68 -12.10
C VAL B 32 8.89 -0.63 -11.69
N GLN B 33 9.49 -1.73 -12.08
CA GLN B 33 9.02 -3.08 -11.76
C GLN B 33 9.83 -3.55 -10.56
N ILE B 34 9.17 -3.80 -9.43
CA ILE B 34 9.84 -4.33 -8.22
C ILE B 34 9.67 -5.84 -8.18
N ILE B 35 10.79 -6.54 -8.02
CA ILE B 35 10.81 -8.02 -7.98
C ILE B 35 11.34 -8.44 -6.59
N HIS B 36 10.43 -8.87 -5.73
CA HIS B 36 10.78 -9.20 -4.33
C HIS B 36 11.66 -10.47 -4.27
N GLY B 37 12.25 -10.69 -3.11
CA GLY B 37 13.14 -11.84 -2.83
C GLY B 37 12.49 -13.00 -2.11
N LEU B 38 13.29 -13.97 -1.75
CA LEU B 38 12.80 -15.25 -1.20
C LEU B 38 12.23 -15.01 0.18
N GLY B 39 11.09 -15.60 0.42
CA GLY B 39 10.41 -15.56 1.71
C GLY B 39 9.78 -14.23 2.05
N GLU B 40 9.61 -13.32 1.08
CA GLU B 40 8.95 -12.04 1.36
C GLU B 40 7.82 -11.84 0.36
N HIS B 41 7.38 -10.58 0.19
CA HIS B 41 6.24 -10.27 -0.68
C HIS B 41 6.37 -8.83 -1.15
N SER B 42 5.56 -8.44 -2.13
CA SER B 42 5.73 -7.16 -2.82
C SER B 42 5.11 -6.03 -2.02
N ARG B 43 4.13 -6.38 -1.18
CA ARG B 43 3.39 -5.40 -0.34
C ARG B 43 4.25 -4.99 0.86
N ARG B 44 5.50 -5.48 0.89
CA ARG B 44 6.46 -5.14 1.98
C ARG B 44 7.35 -3.98 1.50
N TYR B 45 7.04 -3.40 0.34
CA TYR B 45 7.82 -2.27 -0.23
C TYR B 45 6.95 -1.02 -0.29
N LEU B 46 5.94 -0.92 0.58
CA LEU B 46 5.07 0.29 0.63
C LEU B 46 5.92 1.57 0.67
N HIS B 47 6.97 1.65 1.49
CA HIS B 47 7.73 2.92 1.57
C HIS B 47 8.39 3.26 0.21
N MET B 48 9.01 2.28 -0.40
CA MET B 48 9.65 2.49 -1.73
C MET B 48 8.58 2.83 -2.79
N ILE B 49 7.47 2.09 -2.76
CA ILE B 49 6.39 2.30 -3.76
C ILE B 49 5.97 3.77 -3.62
N SER B 50 5.69 4.23 -2.40
CA SER B 50 5.28 5.63 -2.17
C SER B 50 6.35 6.60 -2.67
N ALA B 51 7.62 6.36 -2.37
CA ALA B 51 8.73 7.22 -2.84
C ALA B 51 8.75 7.29 -4.37
N LEU B 52 8.53 6.18 -5.07
CA LEU B 52 8.64 6.15 -6.55
C LEU B 52 7.42 6.84 -7.12
N LEU B 53 6.25 6.67 -6.51
CA LEU B 53 5.08 7.45 -6.96
C LEU B 53 5.35 8.94 -6.76
N ASP B 54 5.91 9.33 -5.64
CA ASP B 54 6.23 10.77 -5.39
C ASP B 54 7.16 11.30 -6.50
N ALA B 55 8.03 10.45 -7.04
CA ALA B 55 8.98 10.84 -8.09
C ALA B 55 8.32 10.83 -9.48
N GLY B 56 7.03 10.48 -9.60
CA GLY B 56 6.30 10.45 -10.88
C GLY B 56 6.48 9.20 -11.68
N PHE B 57 6.76 8.05 -11.03
CA PHE B 57 6.84 6.76 -11.74
C PHE B 57 5.65 5.87 -11.45
N VAL B 58 5.26 5.09 -12.46
CA VAL B 58 4.33 3.95 -12.29
C VAL B 58 5.16 2.90 -11.55
N VAL B 59 4.56 2.17 -10.64
CA VAL B 59 5.22 1.02 -9.97
C VAL B 59 4.39 -0.22 -10.22
N ILE B 60 5.00 -1.35 -10.60
CA ILE B 60 4.31 -2.62 -10.86
C ILE B 60 5.06 -3.71 -10.12
N ALA B 61 4.35 -4.59 -9.49
CA ALA B 61 4.95 -5.70 -8.74
C ALA B 61 3.96 -6.83 -8.55
N ASP B 62 4.47 -8.04 -8.46
CA ASP B 62 3.66 -9.20 -8.10
C ASP B 62 4.27 -9.88 -6.87
N ASP B 63 3.44 -10.71 -6.25
CA ASP B 63 3.89 -11.76 -5.31
C ASP B 63 4.15 -13.02 -6.11
N HIS B 64 5.40 -13.47 -6.14
CA HIS B 64 5.76 -14.61 -7.01
C HIS B 64 5.05 -15.89 -6.57
N ALA B 65 5.05 -16.87 -7.45
CA ALA B 65 4.67 -18.26 -7.09
C ALA B 65 5.29 -18.64 -5.76
N GLY B 66 4.48 -19.21 -4.87
CA GLY B 66 4.94 -19.71 -3.57
C GLY B 66 5.13 -18.61 -2.54
N HIS B 67 4.71 -17.38 -2.82
CA HIS B 67 5.01 -16.22 -1.96
C HIS B 67 3.77 -15.35 -1.72
N GLY B 68 3.80 -14.64 -0.61
CA GLY B 68 2.83 -13.55 -0.33
C GLY B 68 1.39 -13.96 -0.61
N ARG B 69 0.65 -13.03 -1.20
CA ARG B 69 -0.80 -13.26 -1.45
C ARG B 69 -0.98 -14.42 -2.44
N THR B 70 -0.03 -14.61 -3.36
CA THR B 70 -0.14 -15.71 -4.32
C THR B 70 -0.17 -17.03 -3.55
N ALA B 71 0.69 -17.21 -2.56
CA ALA B 71 0.66 -18.41 -1.68
C ALA B 71 -0.60 -18.39 -0.82
N MET B 72 -0.98 -17.22 -0.28
CA MET B 72 -2.14 -17.17 0.64
C MET B 72 -3.34 -17.69 -0.14
N GLN B 73 -3.49 -17.30 -1.41
CA GLN B 73 -4.69 -17.66 -2.22
C GLN B 73 -4.59 -19.09 -2.72
N SER B 74 -3.39 -19.59 -3.10
CA SER B 74 -3.23 -20.97 -3.64
C SER B 74 -3.14 -22.00 -2.52
N GLY B 75 -2.71 -21.57 -1.33
CA GLY B 75 -2.32 -22.43 -0.20
C GLY B 75 -0.95 -23.08 -0.36
N VAL B 76 -0.20 -22.74 -1.41
CA VAL B 76 1.11 -23.38 -1.67
C VAL B 76 2.21 -22.35 -1.40
N TRP B 77 2.99 -22.61 -0.36
CA TRP B 77 4.15 -21.78 0.01
C TRP B 77 5.45 -22.45 -0.40
N ALA B 78 6.39 -21.62 -0.88
CA ALA B 78 7.80 -22.02 -1.05
C ALA B 78 7.94 -23.18 -2.05
N ASP B 79 7.05 -23.21 -3.02
CA ASP B 79 7.16 -24.03 -4.24
C ASP B 79 6.56 -23.23 -5.38
N ALA B 80 7.12 -23.36 -6.57
CA ALA B 80 6.70 -22.63 -7.77
C ALA B 80 6.41 -23.56 -8.93
N GLY B 81 6.28 -24.85 -8.65
CA GLY B 81 6.10 -25.84 -9.71
C GLY B 81 7.39 -26.40 -10.26
N ASP B 82 7.28 -27.35 -11.21
CA ASP B 82 8.44 -27.78 -12.01
C ASP B 82 9.07 -26.59 -12.74
N ASN B 83 10.34 -26.69 -13.07
CA ASN B 83 11.08 -25.68 -13.86
C ASN B 83 10.91 -24.32 -13.20
N ALA B 84 11.13 -24.26 -11.90
CA ALA B 84 10.79 -23.07 -11.05
C ALA B 84 11.49 -21.79 -11.55
N ALA B 85 12.73 -21.87 -11.95
CA ALA B 85 13.46 -20.66 -12.41
C ALA B 85 12.73 -20.14 -13.64
N GLU B 86 12.43 -20.98 -14.62
CA GLU B 86 11.75 -20.48 -15.82
C GLU B 86 10.33 -20.01 -15.47
N VAL B 87 9.66 -20.65 -14.51
CA VAL B 87 8.32 -20.16 -14.06
C VAL B 87 8.47 -18.70 -13.67
N VAL B 88 9.37 -18.43 -12.72
CA VAL B 88 9.34 -17.08 -12.13
C VAL B 88 9.86 -16.04 -13.12
N ILE B 89 10.80 -16.40 -13.99
CA ILE B 89 11.22 -15.47 -15.09
C ILE B 89 10.01 -15.22 -16.01
N SER B 90 9.28 -16.28 -16.43
CA SER B 90 8.13 -16.14 -17.35
C SER B 90 7.11 -15.20 -16.71
N ASP B 91 6.85 -15.42 -15.42
CA ASP B 91 5.82 -14.60 -14.75
C ASP B 91 6.22 -13.13 -14.67
N GLU B 92 7.51 -12.81 -14.46
CA GLU B 92 7.94 -11.40 -14.46
C GLU B 92 7.81 -10.78 -15.87
N LEU B 93 8.00 -11.58 -16.92
CA LEU B 93 7.78 -11.06 -18.28
C LEU B 93 6.27 -10.89 -18.49
N THR B 94 5.47 -11.83 -18.04
CA THR B 94 3.99 -11.71 -18.18
C THR B 94 3.50 -10.47 -17.42
N LEU B 95 4.09 -10.19 -16.25
CA LEU B 95 3.70 -8.99 -15.50
C LEU B 95 3.87 -7.72 -16.34
N GLN B 96 4.97 -7.62 -17.07
CA GLN B 96 5.28 -6.42 -17.91
C GLN B 96 4.13 -6.27 -18.91
N GLN B 97 3.63 -7.38 -19.46
CA GLN B 97 2.65 -7.32 -20.55
C GLN B 97 1.28 -6.95 -20.00
N GLN B 98 1.10 -6.97 -18.68
CA GLN B 98 -0.20 -6.54 -18.09
C GLN B 98 -0.40 -5.04 -18.27
N LEU B 99 0.65 -4.26 -18.61
CA LEU B 99 0.49 -2.83 -18.89
C LEU B 99 0.59 -2.53 -20.38
N ALA B 100 0.53 -3.56 -21.22
CA ALA B 100 0.64 -3.31 -22.68
C ALA B 100 -0.38 -2.25 -23.11
N GLY B 101 0.10 -1.28 -23.85
CA GLY B 101 -0.76 -0.20 -24.37
C GLY B 101 -0.96 0.92 -23.41
N GLN B 102 -0.59 0.78 -22.13
CA GLN B 102 -0.79 1.88 -21.15
C GLN B 102 0.39 2.84 -21.10
N PHE B 103 1.63 2.35 -21.20
CA PHE B 103 2.85 3.14 -20.95
C PHE B 103 3.94 2.74 -21.95
N ASP B 104 3.54 2.48 -23.19
CA ASP B 104 4.45 1.89 -24.20
C ASP B 104 5.64 2.78 -24.47
N ASP B 105 5.56 4.08 -24.29
CA ASP B 105 6.67 4.98 -24.67
C ASP B 105 7.49 5.36 -23.44
N LEU B 106 7.20 4.80 -22.26
CA LEU B 106 8.02 5.16 -21.09
C LEU B 106 9.19 4.21 -20.94
N PRO B 107 10.30 4.71 -20.37
CA PRO B 107 11.40 3.85 -19.96
C PRO B 107 10.94 2.96 -18.82
N TRP B 108 11.49 1.75 -18.80
CA TRP B 108 11.14 0.69 -17.85
C TRP B 108 12.38 0.26 -17.10
N VAL B 109 12.35 0.40 -15.77
CA VAL B 109 13.49 -0.02 -14.91
C VAL B 109 13.02 -1.18 -14.07
N VAL B 110 13.81 -2.22 -14.02
CA VAL B 110 13.57 -3.37 -13.13
C VAL B 110 14.46 -3.20 -11.91
N PHE B 111 13.81 -3.30 -10.75
CA PHE B 111 14.47 -3.32 -9.44
C PHE B 111 14.27 -4.71 -8.85
N GLY B 112 15.31 -5.48 -8.63
CA GLY B 112 15.25 -6.84 -8.08
C GLY B 112 16.04 -6.94 -6.81
N HIS B 113 15.43 -7.45 -5.75
CA HIS B 113 16.09 -7.67 -4.45
C HIS B 113 16.28 -9.17 -4.19
N SER B 114 17.52 -9.56 -3.88
CA SER B 114 17.96 -10.97 -3.54
C SER B 114 17.58 -12.02 -4.61
N TRP B 115 16.70 -12.99 -4.33
CA TRP B 115 16.17 -13.84 -5.42
C TRP B 115 15.70 -12.97 -6.57
N GLY B 116 15.05 -11.83 -6.28
CA GLY B 116 14.65 -10.88 -7.33
C GLY B 116 15.79 -10.32 -8.13
N SER B 117 16.94 -10.09 -7.52
CA SER B 117 18.17 -9.67 -8.22
C SER B 117 18.61 -10.78 -9.18
N MET B 118 18.41 -12.04 -8.82
CA MET B 118 18.78 -13.15 -9.73
C MET B 118 17.77 -13.24 -10.87
N ILE B 119 16.47 -13.14 -10.54
CA ILE B 119 15.44 -13.10 -11.60
C ILE B 119 15.69 -11.93 -12.55
N ALA B 120 15.99 -10.74 -12.03
CA ALA B 120 16.18 -9.53 -12.85
C ALA B 120 17.39 -9.76 -13.80
N ARG B 121 18.46 -10.35 -13.27
CA ARG B 121 19.69 -10.63 -14.06
C ARG B 121 19.33 -11.62 -15.19
N ALA B 122 18.58 -12.67 -14.86
CA ALA B 122 18.17 -13.70 -15.87
C ALA B 122 17.26 -13.04 -16.90
N MET B 123 16.32 -12.20 -16.51
CA MET B 123 15.42 -11.51 -17.48
C MET B 123 16.22 -10.70 -18.48
N ALA B 124 17.28 -10.02 -18.03
CA ALA B 124 18.07 -9.06 -18.81
C ALA B 124 18.67 -9.75 -20.03
N THR B 125 18.85 -11.06 -19.92
CA THR B 125 19.49 -11.87 -20.99
C THR B 125 18.48 -12.27 -22.05
N ARG B 126 17.19 -12.03 -21.82
CA ARG B 126 16.17 -12.63 -22.70
C ARG B 126 15.63 -11.59 -23.65
N PRO B 127 15.31 -11.98 -24.90
CA PRO B 127 14.79 -11.02 -25.85
C PRO B 127 13.33 -10.71 -25.50
N GLY B 128 12.86 -9.50 -25.72
CA GLY B 128 11.44 -9.22 -25.42
C GLY B 128 11.22 -8.59 -24.05
N THR B 129 12.20 -8.74 -23.17
CA THR B 129 12.08 -8.10 -21.85
C THR B 129 12.11 -6.59 -22.01
N ARG B 130 11.18 -5.91 -21.39
CA ARG B 130 11.29 -4.45 -21.31
C ARG B 130 12.31 -4.13 -20.25
N LEU B 131 13.40 -3.45 -20.62
CA LEU B 131 14.50 -3.18 -19.66
C LEU B 131 15.38 -2.07 -20.19
N ASP B 132 15.16 -0.88 -19.70
CA ASP B 132 15.96 0.30 -20.08
C ASP B 132 17.03 0.60 -19.03
N GLY B 133 16.87 0.07 -17.80
CA GLY B 133 17.87 0.18 -16.77
C GLY B 133 17.64 -0.91 -15.75
N LEU B 134 18.73 -1.39 -15.17
CA LEU B 134 18.70 -2.55 -14.27
C LEU B 134 19.20 -2.10 -12.90
N ALA B 135 18.36 -2.29 -11.89
CA ALA B 135 18.70 -1.96 -10.49
C ALA B 135 18.65 -3.22 -9.62
N LEU B 136 19.77 -3.55 -8.97
CA LEU B 136 19.89 -4.79 -8.21
C LEU B 136 20.18 -4.44 -6.77
N CYS B 137 19.50 -5.14 -5.85
CA CYS B 137 19.63 -4.91 -4.42
C CYS B 137 19.81 -6.27 -3.73
N GLY B 138 20.43 -6.33 -2.55
CA GLY B 138 20.52 -7.59 -1.82
C GLY B 138 21.19 -8.65 -2.64
N ILE B 139 22.22 -8.28 -3.37
CA ILE B 139 22.65 -9.01 -4.58
C ILE B 139 23.24 -10.34 -4.16
N VAL B 140 22.77 -11.41 -4.78
CA VAL B 140 23.30 -12.75 -4.56
C VAL B 140 24.45 -12.94 -5.54
N ALA B 141 25.67 -12.89 -5.02
CA ALA B 141 26.87 -12.82 -5.89
C ALA B 141 28.01 -13.48 -5.18
N GLN B 142 28.38 -14.65 -5.70
CA GLN B 142 29.55 -15.43 -5.28
C GLN B 142 29.59 -15.73 -3.77
N PRO B 143 28.46 -16.03 -3.06
CA PRO B 143 28.49 -16.55 -1.72
C PRO B 143 28.92 -18.02 -1.67
N ARG B 144 29.57 -18.41 -0.58
CA ARG B 144 30.18 -19.77 -0.39
C ARG B 144 29.16 -20.90 -0.59
N GLY B 145 27.90 -20.70 -0.21
CA GLY B 145 26.92 -21.81 -0.31
C GLY B 145 26.62 -22.11 -1.76
N PHE B 146 26.19 -21.14 -2.54
CA PHE B 146 25.85 -21.35 -3.97
C PHE B 146 27.12 -21.74 -4.73
N GLU B 147 28.26 -21.14 -4.40
CA GLU B 147 29.49 -21.31 -5.19
C GLU B 147 30.10 -22.67 -4.95
N THR B 148 30.16 -23.13 -3.70
CA THR B 148 30.98 -24.35 -3.39
C THR B 148 30.30 -25.32 -2.42
N THR B 149 29.56 -24.88 -1.40
CA THR B 149 29.04 -25.80 -0.38
C THR B 149 27.93 -26.67 -0.97
N LEU B 150 27.02 -26.10 -1.74
CA LEU B 150 25.86 -26.86 -2.22
C LEU B 150 26.38 -28.00 -3.11
N ASP B 151 26.03 -29.22 -2.73
CA ASP B 151 26.45 -30.47 -3.43
C ASP B 151 25.49 -30.73 -4.61
N HIS B 152 25.88 -30.37 -5.81
CA HIS B 152 25.01 -30.49 -7.00
C HIS B 152 24.66 -31.96 -7.26
N LYS B 153 25.58 -32.89 -7.01
CA LYS B 153 25.35 -34.32 -7.29
C LYS B 153 24.23 -34.84 -6.38
N THR B 154 24.25 -34.42 -5.12
CA THR B 154 23.24 -34.80 -4.12
C THR B 154 21.90 -34.20 -4.55
N LEU B 155 21.93 -32.93 -4.92
CA LEU B 155 20.68 -32.27 -5.37
C LEU B 155 20.12 -32.99 -6.59
N ALA B 156 20.97 -33.32 -7.55
CA ALA B 156 20.54 -33.94 -8.80
C ALA B 156 19.92 -35.31 -8.48
N LYS B 157 20.47 -36.04 -7.53
CA LYS B 157 19.90 -37.36 -7.16
C LYS B 157 18.50 -37.13 -6.57
N ALA B 158 18.30 -36.13 -5.68
CA ALA B 158 16.99 -35.82 -5.09
C ALA B 158 16.00 -35.43 -6.18
N MET B 159 16.45 -34.65 -7.17
CA MET B 159 15.55 -34.21 -8.23
C MET B 159 15.14 -35.37 -9.13
N ALA B 160 16.02 -36.37 -9.26
CA ALA B 160 15.75 -37.49 -10.20
C ALA B 160 14.66 -38.37 -9.57
N THR B 161 14.62 -38.47 -8.28
CA THR B 161 13.74 -39.46 -7.60
C THR B 161 12.56 -38.83 -6.88
N ALA B 162 12.71 -37.60 -6.36
CA ALA B 162 11.70 -37.01 -5.46
C ALA B 162 11.66 -35.50 -5.60
N PRO B 163 11.41 -34.98 -6.80
CA PRO B 163 11.52 -33.56 -7.04
C PRO B 163 10.47 -32.73 -6.30
N THR B 164 9.32 -33.31 -5.97
CA THR B 164 8.19 -32.54 -5.44
C THR B 164 8.16 -32.69 -3.93
N ASP B 165 8.96 -33.58 -3.38
CA ASP B 165 9.08 -33.79 -1.95
C ASP B 165 9.76 -32.57 -1.34
N PRO B 166 9.56 -32.37 -0.03
CA PRO B 166 10.30 -31.34 0.70
C PRO B 166 11.83 -31.47 0.52
N ALA B 167 12.50 -30.35 0.32
CA ALA B 167 13.97 -30.34 0.12
C ALA B 167 14.61 -30.92 1.37
N PRO B 168 15.56 -31.86 1.22
CA PRO B 168 16.35 -32.32 2.37
C PRO B 168 16.97 -31.12 3.11
N GLU B 169 16.84 -31.11 4.43
CA GLU B 169 17.35 -29.99 5.26
C GLU B 169 18.86 -29.81 5.03
N ALA B 170 19.65 -30.88 4.84
CA ALA B 170 21.11 -30.76 4.64
C ALA B 170 21.40 -29.92 3.39
N LEU B 171 20.56 -30.03 2.36
CA LEU B 171 20.79 -29.27 1.10
C LEU B 171 20.43 -27.80 1.32
N VAL B 172 19.36 -27.53 2.04
CA VAL B 172 18.99 -26.13 2.33
C VAL B 172 20.14 -25.49 3.11
N ALA B 173 20.66 -26.20 4.10
CA ALA B 173 21.75 -25.68 4.98
C ALA B 173 22.98 -25.39 4.12
N GLN B 174 23.30 -26.25 3.18
CA GLN B 174 24.46 -26.05 2.30
C GLN B 174 24.26 -24.78 1.47
N MET B 175 23.06 -24.57 0.92
CA MET B 175 22.83 -23.47 -0.03
C MET B 175 23.12 -22.14 0.69
N PHE B 176 22.81 -22.04 1.98
CA PHE B 176 22.93 -20.76 2.72
C PHE B 176 24.06 -20.86 3.73
N ASP B 177 25.04 -21.74 3.47
CA ASP B 177 26.23 -21.93 4.33
C ASP B 177 26.93 -20.59 4.50
N GLY B 178 27.17 -20.17 5.73
CA GLY B 178 27.96 -18.96 5.99
C GLY B 178 27.07 -17.76 6.24
N PHE B 179 25.76 -17.85 6.00
CA PHE B 179 24.85 -16.69 6.22
C PHE B 179 24.88 -16.23 7.70
N ALA B 180 25.21 -17.07 8.66
CA ALA B 180 25.26 -16.60 10.07
C ALA B 180 26.68 -16.23 10.50
N ASP B 181 27.66 -16.10 9.59
CA ASP B 181 29.09 -15.97 9.99
C ASP B 181 29.42 -14.74 10.89
N ARG B 182 28.75 -13.65 10.72
CA ARG B 182 29.12 -12.41 11.47
C ARG B 182 27.97 -12.03 12.38
N LEU B 183 27.21 -13.02 12.83
CA LEU B 183 26.08 -12.77 13.71
C LEU B 183 26.40 -13.25 15.13
N SER B 184 25.77 -12.63 16.10
CA SER B 184 25.77 -13.16 17.47
C SER B 184 24.56 -14.07 17.69
N GLU B 185 24.60 -14.87 18.75
CA GLU B 185 23.47 -15.78 19.02
C GLU B 185 22.17 -14.98 19.17
N ASP B 186 22.21 -13.80 19.79
CA ASP B 186 20.97 -13.06 20.10
C ASP B 186 20.46 -12.39 18.82
N ASP B 187 21.28 -12.25 17.76
CA ASP B 187 20.79 -11.71 16.47
C ASP B 187 19.78 -12.70 15.90
N GLY B 188 19.88 -13.97 16.25
CA GLY B 188 19.00 -15.03 15.77
C GLY B 188 19.39 -15.45 14.35
N PRO B 189 18.81 -16.54 13.85
CA PRO B 189 19.24 -17.12 12.59
C PRO B 189 18.96 -16.28 11.34
N THR B 190 18.08 -15.27 11.46
CA THR B 190 17.80 -14.37 10.34
C THR B 190 18.41 -13.01 10.64
N GLY B 191 19.41 -12.94 11.51
CA GLY B 191 20.02 -11.63 11.77
C GLY B 191 20.71 -11.02 10.56
N TRP B 192 20.99 -11.82 9.56
CA TRP B 192 21.63 -11.31 8.31
C TRP B 192 20.68 -10.41 7.54
N VAL B 193 19.39 -10.47 7.83
CA VAL B 193 18.38 -9.64 7.12
C VAL B 193 18.70 -8.16 7.27
N ALA B 194 19.07 -7.71 8.43
CA ALA B 194 19.32 -6.27 8.70
C ALA B 194 20.07 -6.12 10.01
N ARG B 195 20.89 -5.08 10.09
CA ARG B 195 21.45 -4.62 11.38
C ARG B 195 20.29 -4.25 12.32
N SER B 196 19.24 -3.67 11.79
CA SER B 196 18.08 -3.28 12.61
C SER B 196 17.38 -4.54 13.13
N LYS B 197 17.36 -4.76 14.44
CA LYS B 197 16.64 -5.90 15.04
C LYS B 197 15.13 -5.69 14.79
N GLU B 198 14.72 -4.44 14.71
CA GLU B 198 13.27 -4.18 14.50
C GLU B 198 12.87 -4.62 13.09
N VAL B 199 13.72 -4.39 12.09
CA VAL B 199 13.39 -4.86 10.73
C VAL B 199 13.32 -6.39 10.76
N VAL B 200 14.27 -7.03 11.40
CA VAL B 200 14.31 -8.50 11.42
C VAL B 200 13.08 -9.03 12.17
N ALA B 201 12.70 -8.43 13.31
CA ALA B 201 11.54 -8.94 14.06
C ALA B 201 10.28 -8.83 13.20
N ASP B 202 10.12 -7.72 12.48
CA ASP B 202 8.91 -7.46 11.66
C ASP B 202 8.91 -8.49 10.51
N HIS B 203 10.08 -8.77 9.95
CA HIS B 203 10.22 -9.80 8.88
C HIS B 203 9.74 -11.14 9.36
N GLY B 204 10.05 -11.48 10.59
CA GLY B 204 9.65 -12.81 11.08
C GLY B 204 8.20 -12.96 11.49
N LYS B 205 7.49 -11.84 11.64
CA LYS B 205 6.09 -11.75 12.13
C LYS B 205 5.13 -11.59 10.95
N ASP B 206 5.57 -11.03 9.83
CA ASP B 206 4.68 -10.59 8.74
C ASP B 206 4.01 -11.85 8.16
N LYS B 207 2.68 -11.92 8.24
CA LYS B 207 1.91 -13.04 7.71
C LYS B 207 2.09 -13.22 6.21
N PHE B 208 2.39 -12.15 5.47
CA PHE B 208 2.56 -12.25 4.02
C PHE B 208 3.98 -12.66 3.67
N ASN B 209 4.92 -12.67 4.63
CA ASN B 209 6.19 -13.38 4.38
C ASN B 209 6.02 -14.87 4.66
N ASN B 210 5.42 -15.21 5.82
CA ASN B 210 5.38 -16.62 6.28
C ASN B 210 6.78 -17.23 6.12
N PHE B 211 7.77 -16.51 6.59
CA PHE B 211 9.15 -16.85 6.35
C PHE B 211 9.43 -18.20 7.05
N GLY B 212 10.11 -19.08 6.35
CA GLY B 212 10.53 -20.37 6.92
C GLY B 212 9.67 -21.52 6.48
N ALA B 213 8.62 -21.30 5.69
CA ALA B 213 7.87 -22.41 5.09
C ALA B 213 8.87 -23.31 4.35
N PRO B 214 8.81 -24.64 4.47
CA PRO B 214 9.80 -25.51 3.85
C PRO B 214 9.69 -25.48 2.32
N MET B 215 10.86 -25.37 1.67
CA MET B 215 10.96 -25.36 0.21
C MET B 215 10.91 -26.81 -0.27
N SER B 216 10.32 -27.01 -1.43
CA SER B 216 10.44 -28.30 -2.13
C SER B 216 11.84 -28.48 -2.73
N THR B 217 12.17 -29.72 -3.10
CA THR B 217 13.42 -30.00 -3.81
C THR B 217 13.45 -29.22 -5.13
N ARG B 218 12.39 -29.27 -5.92
CA ARG B 218 12.36 -28.57 -7.21
C ARG B 218 12.49 -27.05 -6.99
N PHE B 219 11.97 -26.50 -5.90
CA PHE B 219 12.18 -25.05 -5.68
C PHE B 219 13.66 -24.81 -5.40
N LEU B 220 14.29 -25.64 -4.58
CA LEU B 220 15.74 -25.46 -4.32
C LEU B 220 16.49 -25.52 -5.65
N GLN B 221 16.19 -26.50 -6.48
CA GLN B 221 16.79 -26.60 -7.80
C GLN B 221 16.58 -25.30 -8.61
N GLY B 222 15.42 -24.68 -8.51
CA GLY B 222 15.17 -23.42 -9.19
C GLY B 222 16.08 -22.33 -8.65
N LEU B 223 16.43 -22.39 -7.37
CA LEU B 223 17.33 -21.31 -6.84
C LEU B 223 18.74 -21.55 -7.39
N ALA B 224 19.21 -22.81 -7.40
CA ALA B 224 20.53 -23.12 -8.02
C ALA B 224 20.51 -22.72 -9.48
N ASP B 225 19.43 -23.04 -10.21
CA ASP B 225 19.33 -22.74 -11.64
C ASP B 225 19.43 -21.21 -11.84
N ILE B 226 18.63 -20.43 -11.12
CA ILE B 226 18.59 -18.97 -11.35
C ILE B 226 19.90 -18.34 -10.88
N TYR B 227 20.56 -18.90 -9.86
CA TYR B 227 21.90 -18.42 -9.44
C TYR B 227 22.84 -18.50 -10.64
N ALA B 228 22.86 -19.65 -11.33
CA ALA B 228 23.77 -19.87 -12.47
C ALA B 228 23.37 -18.96 -13.63
N MET B 229 22.07 -18.72 -13.88
CA MET B 229 21.63 -17.82 -14.96
C MET B 229 22.13 -16.40 -14.63
N ALA B 230 22.11 -15.99 -13.37
CA ALA B 230 22.44 -14.61 -12.97
C ALA B 230 23.94 -14.37 -12.87
N ASN B 231 24.73 -15.39 -12.52
CA ASN B 231 26.16 -15.23 -12.22
C ASN B 231 27.04 -15.93 -13.24
N GLY B 232 26.45 -16.64 -14.19
CA GLY B 232 27.26 -17.41 -15.14
C GLY B 232 27.78 -16.56 -16.29
N ASP B 233 28.58 -17.20 -17.13
CA ASP B 233 29.23 -16.49 -18.24
C ASP B 233 28.19 -15.89 -19.18
N SER B 234 27.08 -16.57 -19.42
CA SER B 234 26.09 -16.08 -20.40
C SER B 234 25.47 -14.78 -19.90
N PHE B 235 25.30 -14.60 -18.58
CA PHE B 235 24.87 -13.30 -18.06
C PHE B 235 25.84 -12.21 -18.50
N TYR B 236 27.12 -12.37 -18.20
CA TYR B 236 28.13 -11.32 -18.48
C TYR B 236 28.24 -11.10 -20.00
N ALA B 237 28.09 -12.18 -20.73
CA ALA B 237 28.30 -12.11 -22.19
C ALA B 237 27.12 -11.36 -22.84
N THR B 238 25.89 -11.46 -22.32
CA THR B 238 24.68 -11.01 -23.05
C THR B 238 23.97 -9.87 -22.32
N MET B 239 24.46 -9.45 -21.14
CA MET B 239 23.88 -8.26 -20.45
C MET B 239 23.86 -7.07 -21.42
N PRO B 240 22.68 -6.48 -21.70
CA PRO B 240 22.62 -5.32 -22.59
C PRO B 240 23.40 -4.13 -22.11
N ASN B 241 23.77 -3.23 -23.02
CA ASN B 241 24.55 -2.03 -22.70
C ASN B 241 23.57 -0.95 -22.30
N ILE B 242 23.08 -1.10 -21.06
CA ILE B 242 22.13 -0.14 -20.44
C ILE B 242 22.67 0.21 -19.06
N PRO B 243 22.15 1.30 -18.44
CA PRO B 243 22.61 1.66 -17.11
C PRO B 243 22.31 0.56 -16.08
N ILE B 244 23.27 0.31 -15.21
CA ILE B 244 23.15 -0.67 -14.12
C ILE B 244 23.45 0.05 -12.82
N VAL B 245 22.64 -0.20 -11.78
CA VAL B 245 22.96 0.28 -10.41
C VAL B 245 22.87 -0.89 -9.45
N LEU B 246 23.83 -0.94 -8.55
CA LEU B 246 23.95 -2.05 -7.57
C LEU B 246 23.81 -1.46 -6.18
N PHE B 247 22.98 -2.06 -5.33
CA PHE B 247 22.85 -1.69 -3.91
C PHE B 247 23.14 -2.90 -3.05
N ALA B 248 24.03 -2.79 -2.06
CA ALA B 248 24.28 -3.95 -1.19
C ALA B 248 24.91 -3.48 0.12
N GLY B 249 24.70 -4.24 1.16
CA GLY B 249 25.39 -4.04 2.43
C GLY B 249 26.73 -4.75 2.43
N SER B 250 27.74 -4.12 3.00
CA SER B 250 29.04 -4.80 3.10
C SER B 250 29.01 -6.00 4.04
N GLU B 251 28.01 -6.05 4.92
CA GLU B 251 27.87 -7.18 5.86
C GLU B 251 26.75 -8.15 5.41
N ASP B 252 26.42 -8.12 4.12
CA ASP B 252 25.38 -9.03 3.56
C ASP B 252 26.05 -10.33 3.17
N PRO B 253 25.72 -11.50 3.77
CA PRO B 253 26.32 -12.74 3.32
C PRO B 253 25.96 -13.09 1.85
N ALA B 254 24.81 -12.64 1.34
CA ALA B 254 24.35 -13.03 -0.03
C ALA B 254 25.37 -12.60 -1.08
N GLY B 255 26.05 -11.46 -0.84
CA GLY B 255 27.11 -10.93 -1.71
C GLY B 255 28.51 -11.23 -1.23
N ASP B 256 28.67 -12.27 -0.42
CA ASP B 256 29.97 -12.65 0.21
C ASP B 256 30.53 -11.42 0.92
N PHE B 257 29.70 -10.74 1.69
CA PHE B 257 30.11 -9.63 2.57
C PHE B 257 30.83 -8.59 1.73
N GLY B 258 30.17 -8.17 0.64
CA GLY B 258 30.68 -7.14 -0.27
C GLY B 258 31.63 -7.66 -1.32
N THR B 259 32.40 -8.71 -1.02
CA THR B 259 33.43 -9.20 -1.97
C THR B 259 32.79 -9.62 -3.30
N GLY B 260 31.67 -10.33 -3.24
CA GLY B 260 31.00 -10.84 -4.43
C GLY B 260 30.44 -9.71 -5.26
N VAL B 261 29.81 -8.73 -4.57
CA VAL B 261 29.22 -7.58 -5.29
C VAL B 261 30.33 -6.78 -5.97
N LYS B 262 31.45 -6.53 -5.30
CA LYS B 262 32.56 -5.79 -5.93
C LYS B 262 33.02 -6.54 -7.15
N ALA B 263 33.08 -7.86 -7.09
CA ALA B 263 33.52 -8.65 -8.28
C ALA B 263 32.52 -8.53 -9.42
N VAL B 264 31.22 -8.53 -9.15
CA VAL B 264 30.19 -8.31 -10.19
C VAL B 264 30.48 -6.95 -10.85
N ALA B 265 30.62 -5.90 -10.04
CA ALA B 265 30.85 -4.56 -10.58
C ALA B 265 32.15 -4.56 -11.41
N GLU B 266 33.22 -5.16 -10.90
CA GLU B 266 34.54 -5.19 -11.59
C GLU B 266 34.44 -5.91 -12.94
N ARG B 267 33.71 -7.02 -13.00
CA ARG B 267 33.60 -7.80 -14.24
C ARG B 267 32.79 -7.02 -15.25
N LEU B 268 31.64 -6.47 -14.85
CA LEU B 268 30.81 -5.67 -15.76
C LEU B 268 31.64 -4.48 -16.26
N ARG B 269 32.38 -3.83 -15.38
CA ARG B 269 33.19 -2.64 -15.78
C ARG B 269 34.28 -3.08 -16.76
N ARG B 270 34.99 -4.16 -16.44
CA ARG B 270 36.09 -4.62 -17.34
C ARG B 270 35.51 -4.90 -18.74
N ASP B 271 34.24 -5.35 -18.81
CA ASP B 271 33.51 -5.70 -20.05
C ASP B 271 32.93 -4.44 -20.73
N GLY B 272 33.07 -3.24 -20.16
CA GLY B 272 32.71 -1.94 -20.75
C GLY B 272 31.34 -1.42 -20.35
N HIS B 273 30.77 -1.97 -19.29
CA HIS B 273 29.41 -1.55 -18.83
C HIS B 273 29.45 -0.26 -17.99
N ASN B 274 28.28 0.35 -17.89
CA ASN B 274 27.94 1.58 -17.11
C ASN B 274 27.39 1.09 -15.78
N VAL B 275 28.23 1.05 -14.76
CA VAL B 275 27.89 0.45 -13.44
C VAL B 275 28.03 1.49 -12.33
N GLU B 276 26.95 1.68 -11.57
CA GLU B 276 26.94 2.55 -10.40
C GLU B 276 26.83 1.66 -9.18
N LEU B 277 27.77 1.76 -8.25
CA LEU B 277 27.79 0.82 -7.10
C LEU B 277 27.62 1.58 -5.79
N HIS B 278 26.61 1.17 -5.00
CA HIS B 278 26.37 1.66 -3.65
C HIS B 278 26.59 0.50 -2.68
N LEU B 279 27.75 0.48 -2.06
CA LEU B 279 28.07 -0.54 -1.05
C LEU B 279 28.08 0.11 0.31
N TYR B 280 27.10 -0.23 1.13
CA TYR B 280 26.85 0.44 2.41
C TYR B 280 27.63 -0.23 3.53
N ASP B 281 28.68 0.43 4.05
CA ASP B 281 29.52 -0.24 5.04
C ASP B 281 28.75 -0.45 6.35
N GLY B 282 28.95 -1.63 6.89
CA GLY B 282 28.40 -2.04 8.17
C GLY B 282 26.94 -2.51 8.12
N LEU B 283 26.28 -2.47 6.96
CA LEU B 283 24.84 -2.81 6.91
C LEU B 283 24.70 -4.19 6.27
N ARG B 284 23.56 -4.83 6.53
CA ARG B 284 23.40 -6.25 6.13
C ARG B 284 22.69 -6.44 4.78
N HIS B 285 21.67 -7.32 4.72
CA HIS B 285 21.07 -7.67 3.41
C HIS B 285 20.10 -6.60 2.92
N GLU B 286 19.14 -6.18 3.75
CA GLU B 286 18.01 -5.33 3.28
C GLU B 286 18.36 -3.85 3.36
N VAL B 287 19.30 -3.41 2.56
CA VAL B 287 19.74 -1.97 2.63
C VAL B 287 18.58 -1.07 2.25
N HIS B 288 17.58 -1.55 1.52
CA HIS B 288 16.38 -0.71 1.23
C HIS B 288 15.46 -0.61 2.45
N ASN B 289 15.61 -1.46 3.45
CA ASN B 289 14.80 -1.38 4.70
C ASN B 289 15.62 -0.85 5.88
N GLU B 290 16.94 -0.98 5.85
CA GLU B 290 17.78 -0.54 7.00
C GLU B 290 17.47 0.93 7.23
N PRO B 291 17.16 1.34 8.46
CA PRO B 291 16.93 2.77 8.71
C PRO B 291 18.10 3.68 8.33
N GLU B 292 19.33 3.18 8.42
CA GLU B 292 20.50 3.99 8.07
C GLU B 292 20.55 4.31 6.57
N SER B 293 20.16 3.36 5.72
CA SER B 293 20.42 3.46 4.26
C SER B 293 19.14 3.63 3.42
N ARG B 294 17.97 3.40 4.00
CA ARG B 294 16.73 3.37 3.17
C ARG B 294 16.59 4.64 2.31
N ALA B 295 16.74 5.82 2.91
CA ALA B 295 16.52 7.09 2.18
C ALA B 295 17.54 7.22 1.06
N ASP B 296 18.77 6.80 1.31
CA ASP B 296 19.84 6.89 0.28
C ASP B 296 19.52 5.89 -0.84
N VAL B 297 19.14 4.66 -0.54
CA VAL B 297 18.80 3.71 -1.61
C VAL B 297 17.68 4.30 -2.46
N GLU B 298 16.65 4.80 -1.83
CA GLU B 298 15.49 5.30 -2.58
C GLU B 298 15.88 6.55 -3.40
N SER B 299 16.55 7.51 -2.80
CA SER B 299 16.93 8.73 -3.54
C SER B 299 17.89 8.42 -4.68
N SER B 300 18.80 7.47 -4.48
CA SER B 300 19.73 7.02 -5.53
C SER B 300 18.93 6.31 -6.63
N LEU B 301 17.95 5.48 -6.28
CA LEU B 301 17.11 4.81 -7.30
C LEU B 301 16.37 5.86 -8.13
N VAL B 302 15.76 6.84 -7.48
CA VAL B 302 15.04 7.89 -8.23
C VAL B 302 15.99 8.60 -9.22
N THR B 303 17.16 9.03 -8.76
CA THR B 303 18.13 9.71 -9.64
C THR B 303 18.45 8.80 -10.82
N PHE B 304 18.74 7.54 -10.51
CA PHE B 304 19.01 6.53 -11.56
C PHE B 304 17.90 6.44 -12.60
N VAL B 305 16.67 6.28 -12.17
CA VAL B 305 15.53 6.14 -13.08
C VAL B 305 15.41 7.42 -13.93
N ASP B 306 15.58 8.59 -13.30
CA ASP B 306 15.57 9.89 -14.03
C ASP B 306 16.69 9.91 -15.07
N ARG B 307 17.85 9.29 -14.83
CA ARG B 307 18.98 9.25 -15.81
C ARG B 307 18.63 8.31 -16.97
N VAL B 308 17.90 7.23 -16.72
CA VAL B 308 17.51 6.21 -17.74
C VAL B 308 16.56 6.89 -18.72
N ALA B 309 15.67 7.70 -18.13
CA ALA B 309 14.64 8.48 -18.82
C ALA B 309 15.27 9.59 -19.67
N ASN B 310 16.34 10.21 -19.18
CA ASN B 310 17.03 11.30 -19.93
C ASN B 310 17.34 10.82 -21.34
C14 DK0 C . -19.91 12.93 -3.78
C15 DK0 C . -18.81 12.25 -3.31
C11 DK0 C . -18.52 13.89 -1.47
C13 DK0 C . -20.39 14.17 -3.10
C12 DK0 C . -19.69 14.66 -2.02
C2 DK0 C . -19.17 13.88 1.65
C02 DK0 C . -17.66 14.34 -0.23
C04 DK0 C . -17.93 13.58 1.11
C16 DK0 C . -18.14 12.79 -2.13
O1 DK0 C . -17.71 12.15 1.14
C1 GOL D . -22.68 23.53 14.28
O1 GOL D . -23.56 24.15 15.21
C2 GOL D . -23.49 22.77 13.24
O2 GOL D . -24.38 23.66 12.58
C3 GOL D . -22.66 22.09 12.17
O3 GOL D . -21.95 21.02 12.75
C1 GOL E . -11.24 -13.63 -1.89
O1 GOL E . -11.28 -13.45 -0.47
C2 GOL E . -10.05 -12.90 -2.50
O2 GOL E . -9.94 -11.62 -1.90
C3 GOL E . -10.08 -12.67 -4.00
O3 GOL E . -8.87 -12.03 -4.44
C1 GOL F . -21.90 15.35 -7.20
O1 GOL F . -21.08 14.19 -7.35
C2 GOL F . -21.29 16.49 -7.97
O2 GOL F . -19.93 16.15 -8.25
C3 GOL F . -21.43 17.81 -7.23
O3 GOL F . -21.94 18.86 -8.08
C1 GOL G . -18.80 5.72 -12.73
O1 GOL G . -18.42 6.11 -14.05
C2 GOL G . -19.56 4.42 -12.72
O2 GOL G . -18.85 3.45 -13.48
C3 GOL G . -20.99 4.52 -13.24
O3 GOL G . -21.74 3.34 -12.93
C1 PEG H . -3.86 6.05 -5.67
O1 PEG H . -5.10 5.25 -5.81
C2 PEG H . -4.05 7.54 -5.84
O2 PEG H . -3.97 8.26 -4.60
C3 PEG H . -3.47 9.59 -4.77
C4 PEG H . -4.50 10.58 -4.26
O4 PEG H . -4.42 11.89 -4.87
C1 PEG I . -27.22 0.22 -6.01
O1 PEG I . -26.04 -0.51 -6.25
C2 PEG I . -26.98 1.69 -6.10
O2 PEG I . -28.19 2.35 -6.54
C3 PEG I . -28.51 2.21 -7.92
C4 PEG I . -29.82 1.48 -8.07
O4 PEG I . -30.46 1.19 -6.83
C1 GOL J . -20.83 10.04 -6.08
O1 GOL J . -21.63 11.13 -6.53
C2 GOL J . -21.61 8.75 -6.10
O2 GOL J . -22.07 8.56 -7.43
C3 GOL J . -20.83 7.56 -5.62
O3 GOL J . -19.65 7.33 -6.41
C1 GOL K . -14.15 12.16 -3.11
O1 GOL K . -14.47 10.92 -3.75
C2 GOL K . -13.39 11.96 -1.84
O2 GOL K . -12.70 13.15 -1.50
C3 GOL K . -14.24 11.57 -0.65
O3 GOL K . -15.12 12.62 -0.30
C14 DK0 L . 16.46 -17.34 2.76
C15 DK0 L . 17.78 -17.27 2.37
C11 DK0 L . 17.46 -15.12 1.14
C13 DK0 L . 15.58 -16.22 2.33
C12 DK0 L . 16.04 -15.19 1.56
C2 DK0 L . 18.43 -14.94 -1.84
C02 DK0 L . 17.97 -13.91 0.31
C04 DK0 L . 17.70 -13.94 -1.23
C16 DK0 L . 18.27 -16.13 1.54
O1 DK0 L . 16.32 -13.91 -1.67
C1 PEG M . 10.94 3.31 -23.82
O1 PEG M . 10.07 2.59 -24.68
C2 PEG M . 12.22 3.67 -24.49
O2 PEG M . 12.88 4.72 -23.77
C3 PEG M . 14.07 4.28 -23.11
C4 PEG M . 14.94 5.44 -22.71
O4 PEG M . 16.10 5.01 -21.97
C1 PEG N . 5.61 -4.17 5.97
O1 PEG N . 5.05 -5.49 5.66
C2 PEG N . 7.10 -4.16 6.27
O2 PEG N . 7.73 -3.22 5.38
C3 PEG N . 9.16 -3.32 5.23
C4 PEG N . 9.77 -3.75 6.53
O4 PEG N . 11.10 -3.34 6.74
C1 GOL O . 31.18 -16.35 3.64
O1 GOL O . 32.20 -17.32 3.35
C2 GOL O . 29.98 -16.60 2.75
O2 GOL O . 30.35 -16.45 1.39
C3 GOL O . 28.78 -15.71 3.06
O3 GOL O . 27.63 -16.11 2.33
C1 GOL P . 11.00 -19.47 2.53
O1 GOL P . 10.34 -18.69 3.54
C2 GOL P . 12.20 -20.18 3.10
O2 GOL P . 11.72 -21.12 4.07
C3 GOL P . 13.18 -19.21 3.72
O3 GOL P . 14.19 -19.86 4.49
C1 GOL Q . 14.36 -11.32 0.61
O1 GOL Q . 15.70 -11.76 0.37
C2 GOL Q . 14.26 -10.78 1.99
O2 GOL Q . 15.31 -9.85 2.19
C3 GOL Q . 14.35 -11.84 3.07
O3 GOL Q . 13.14 -12.59 3.17
C1 GOL R . -9.20 -3.20 -11.12
O1 GOL R . -7.79 -3.07 -11.29
C2 GOL R . -9.66 -4.52 -11.71
O2 GOL R . -8.96 -5.61 -11.08
C3 GOL R . -11.16 -4.69 -11.60
O3 GOL R . -11.85 -3.74 -12.42
C1 GOL S . 17.52 -19.57 6.08
O1 GOL S . 17.81 -20.43 4.99
C2 GOL S . 18.65 -18.61 6.39
O2 GOL S . 18.44 -18.02 7.67
C3 GOL S . 20.03 -19.24 6.34
O3 GOL S . 20.59 -19.40 7.64
#